data_6F71
#
_entry.id   6F71
#
_cell.length_a   73.810
_cell.length_b   78.880
_cell.length_c   93.620
_cell.angle_alpha   90.00
_cell.angle_beta   101.49
_cell.angle_gamma   90.00
#
_symmetry.space_group_name_H-M   'P 1 21 1'
#
loop_
_entity.id
_entity.type
_entity.pdbx_description
1 polymer 'glutathione transferase'
2 non-polymer R-naringenin
3 water water
#
_entity_poly.entity_id   1
_entity_poly.type   'polypeptide(L)'
_entity_poly.pdbx_seq_one_letter_code
;MSAQKRITLYMASASPFPHRVRLALEEAHATYEMIHISLVDKQDWYQKKVYPDRAQVPYLIYGGPELHPDEAPSPDAAKI
PESLVILEFLADLFPAAHLLPSDPVLRARARLFTTAVETELLPAQKAFFLMGGPPDAMLAALDALQARLPPAGGFAAGPQ
WSIADAAVMPILLRLRMSVTLEVGFFAPGAAPVVRAALESPRFARLQRYIADNVARPSMAATWDEAAVKAEFVGRFEKLR
SLKAAQHHHHHH
;
_entity_poly.pdbx_strand_id   A,B,C,D
#
loop_
_chem_comp.id
_chem_comp.type
_chem_comp.name
_chem_comp.formula
CWE non-polymer R-naringenin 'C15 H12 O5'
#
# COMPACT_ATOMS: atom_id res chain seq x y z
N ALA A 3 14.24 17.21 9.42
CA ALA A 3 13.67 18.50 9.84
C ALA A 3 12.54 19.09 8.94
N GLN A 4 12.51 18.79 7.62
CA GLN A 4 11.28 19.11 6.88
C GLN A 4 10.13 18.18 7.27
N LYS A 5 10.41 17.11 8.04
CA LYS A 5 9.43 16.12 8.37
C LYS A 5 9.33 15.87 9.87
N ARG A 6 10.03 16.63 10.70
CA ARG A 6 10.02 16.36 12.14
C ARG A 6 8.60 16.41 12.70
N ILE A 7 8.28 15.44 13.54
CA ILE A 7 7.01 15.42 14.25
C ILE A 7 7.25 15.49 15.74
N THR A 8 6.66 16.49 16.38
CA THR A 8 6.69 16.56 17.84
C THR A 8 5.24 16.52 18.31
N LEU A 9 4.95 15.70 19.31
CA LEU A 9 3.56 15.55 19.74
C LEU A 9 3.45 15.89 21.19
N TYR A 10 2.57 16.85 21.50
CA TYR A 10 2.18 17.14 22.85
C TYR A 10 1.03 16.21 23.16
N MET A 11 1.22 15.44 24.23
CA MET A 11 0.34 14.34 24.52
C MET A 11 0.18 14.24 26.03
N ALA A 12 -0.54 13.22 26.44
CA ALA A 12 -0.73 12.85 27.84
C ALA A 12 -1.27 11.42 27.84
N SER A 13 -1.32 10.83 29.02
CA SER A 13 -1.75 9.44 29.19
C SER A 13 -3.24 9.28 29.48
N ALA A 14 -3.87 10.10 30.32
CA ALA A 14 -5.20 9.73 30.81
C ALA A 14 -6.26 9.81 29.71
N SER A 15 -6.14 10.78 28.86
CA SER A 15 -7.16 11.11 27.89
C SER A 15 -7.04 10.21 26.67
N PRO A 16 -8.17 9.82 26.06
CA PRO A 16 -8.10 8.99 24.85
C PRO A 16 -7.53 9.72 23.64
N PHE A 17 -7.57 11.05 23.61
CA PHE A 17 -7.34 11.69 22.32
C PHE A 17 -5.89 11.66 21.88
N PRO A 18 -4.88 11.87 22.75
CA PRO A 18 -3.50 11.70 22.27
C PRO A 18 -3.16 10.23 21.92
N HIS A 19 -3.72 9.26 22.64
CA HIS A 19 -3.52 7.84 22.28
C HIS A 19 -3.94 7.55 20.83
N ARG A 20 -5.07 8.11 20.37
CA ARG A 20 -5.48 7.98 18.97
C ARG A 20 -4.32 8.30 18.04
N VAL A 21 -3.65 9.42 18.30
CA VAL A 21 -2.57 9.85 17.42
C VAL A 21 -1.39 8.90 17.52
N ARG A 22 -1.01 8.51 18.72
CA ARG A 22 0.10 7.57 18.85
C ARG A 22 -0.16 6.29 18.08
N LEU A 23 -1.36 5.74 18.17
CA LEU A 23 -1.65 4.53 17.43
C LEU A 23 -1.39 4.74 15.96
N ALA A 24 -1.78 5.91 15.43
CA ALA A 24 -1.62 6.16 14.01
C ALA A 24 -0.15 6.30 13.65
N LEU A 25 0.63 7.01 14.48
CA LEU A 25 2.05 7.19 14.20
C LEU A 25 2.79 5.84 14.19
N GLU A 26 2.46 4.96 15.13
CA GLU A 26 3.07 3.63 15.16
C GLU A 26 2.67 2.82 13.94
N GLU A 27 1.40 2.85 13.60
CA GLU A 27 0.97 2.12 12.42
C GLU A 27 1.65 2.63 11.16
N ALA A 28 1.98 3.93 11.11
CA ALA A 28 2.68 4.49 9.98
C ALA A 28 4.21 4.36 10.08
N HIS A 29 4.75 3.81 11.17
CA HIS A 29 6.20 3.66 11.33
C HIS A 29 6.86 5.03 11.21
N ALA A 30 6.24 5.99 11.86
CA ALA A 30 6.71 7.35 11.82
C ALA A 30 7.75 7.60 12.90
N THR A 31 8.67 8.49 12.57
CA THR A 31 9.59 9.04 13.52
C THR A 31 8.94 10.23 14.21
N TYR A 32 8.99 10.26 15.53
CA TYR A 32 8.38 11.34 16.28
C TYR A 32 8.95 11.38 17.69
N GLU A 33 8.72 12.54 18.33
CA GLU A 33 9.06 12.81 19.73
C GLU A 33 7.81 13.27 20.49
N MET A 34 7.80 12.97 21.77
CA MET A 34 6.64 13.24 22.61
C MET A 34 7.06 14.19 23.71
N ILE A 35 6.20 15.18 23.97
CA ILE A 35 6.30 16.02 25.14
C ILE A 35 5.04 15.80 25.98
N HIS A 36 5.25 15.53 27.27
CA HIS A 36 4.20 15.11 28.19
C HIS A 36 3.64 16.33 28.88
N ILE A 37 2.36 16.58 28.67
CA ILE A 37 1.66 17.64 29.35
C ILE A 37 0.80 17.00 30.43
N SER A 38 0.99 17.42 31.66
CA SER A 38 0.23 16.88 32.78
C SER A 38 -1.23 17.30 32.73
N LEU A 39 -2.14 16.34 32.89
CA LEU A 39 -3.57 16.59 32.97
C LEU A 39 -4.07 16.70 34.41
N VAL A 40 -3.17 16.64 35.37
CA VAL A 40 -3.51 16.87 36.76
C VAL A 40 -3.11 18.28 37.18
N ASP A 41 -1.91 18.70 36.80
CA ASP A 41 -1.35 20.04 37.08
C ASP A 41 -0.69 20.49 35.78
N LYS A 42 -1.49 21.06 34.90
CA LYS A 42 -1.01 21.44 33.58
C LYS A 42 0.11 22.49 33.71
N GLN A 43 1.28 22.20 33.16
CA GLN A 43 2.32 23.23 33.05
C GLN A 43 1.75 24.47 32.37
N ASP A 44 1.84 25.63 33.04
CA ASP A 44 1.28 26.82 32.39
C ASP A 44 2.14 27.32 31.25
N TRP A 45 3.38 26.85 31.09
CA TRP A 45 4.08 27.21 29.86
C TRP A 45 3.44 26.61 28.63
N TYR A 46 2.62 25.56 28.76
CA TYR A 46 1.97 25.02 27.59
C TYR A 46 1.02 26.03 26.97
N GLN A 47 0.13 26.59 27.79
CA GLN A 47 -0.77 27.63 27.33
C GLN A 47 0.01 28.88 26.88
N LYS A 48 1.02 29.31 27.65
CA LYS A 48 1.67 30.59 27.39
C LYS A 48 2.53 30.52 26.14
N LYS A 49 3.26 29.42 25.93
CA LYS A 49 4.24 29.37 24.86
C LYS A 49 3.88 28.47 23.68
N VAL A 50 2.92 27.57 23.81
CA VAL A 50 2.73 26.52 22.81
C VAL A 50 1.36 26.62 22.17
N TYR A 51 0.31 26.45 22.95
CA TYR A 51 -1.06 26.42 22.45
C TYR A 51 -1.94 27.37 23.24
N PRO A 52 -1.84 28.68 22.99
CA PRO A 52 -2.58 29.65 23.83
C PRO A 52 -4.10 29.56 23.70
N ASP A 53 -4.63 29.22 22.54
CA ASP A 53 -6.08 29.36 22.37
C ASP A 53 -6.83 28.45 23.33
N ARG A 54 -6.46 27.16 23.37
CA ARG A 54 -7.21 26.12 24.08
C ARG A 54 -6.37 25.29 25.02
N ALA A 55 -5.05 25.29 24.86
CA ALA A 55 -4.09 24.49 25.64
C ALA A 55 -4.58 23.07 25.91
N GLN A 56 -4.84 22.35 24.84
CA GLN A 56 -5.31 20.97 24.87
C GLN A 56 -4.31 20.06 24.18
N VAL A 57 -4.38 18.79 24.52
CA VAL A 57 -3.60 17.76 23.86
C VAL A 57 -4.64 16.86 23.21
N PRO A 58 -4.29 16.21 22.09
CA PRO A 58 -3.00 16.30 21.43
C PRO A 58 -2.81 17.53 20.55
N TYR A 59 -1.54 17.86 20.33
CA TYR A 59 -1.12 19.01 19.55
C TYR A 59 0.15 18.63 18.82
N LEU A 60 0.15 18.64 17.49
CA LEU A 60 1.23 18.06 16.70
C LEU A 60 1.99 19.15 15.96
N ILE A 61 3.30 19.23 16.18
CA ILE A 61 4.15 20.22 15.55
C ILE A 61 4.87 19.53 14.39
N TYR A 62 4.69 20.04 13.17
CA TYR A 62 5.20 19.40 11.97
C TYR A 62 6.23 20.36 11.35
N GLY A 63 7.50 19.96 11.35
CA GLY A 63 8.59 20.69 10.74
C GLY A 63 9.35 21.52 11.77
N GLY A 64 10.54 21.94 11.38
CA GLY A 64 11.32 22.78 12.26
C GLY A 64 12.34 22.02 13.07
N PRO A 65 13.00 22.70 13.97
CA PRO A 65 14.08 22.09 14.73
C PRO A 65 13.56 21.34 15.97
N GLU A 66 14.48 20.62 16.61
CA GLU A 66 14.16 19.89 17.83
C GLU A 66 13.44 20.78 18.82
N LEU A 67 12.52 20.18 19.55
CA LEU A 67 11.62 20.94 20.38
C LEU A 67 11.60 20.35 21.80
N HIS A 68 11.82 21.20 22.78
CA HIS A 68 11.91 20.78 24.16
C HIS A 68 10.75 21.33 24.96
N PRO A 69 10.51 20.77 26.10
CA PRO A 69 9.46 21.30 26.94
C PRO A 69 9.83 22.71 27.35
N ASP A 70 8.84 23.52 27.61
CA ASP A 70 9.06 24.90 28.01
C ASP A 70 9.69 25.76 26.90
N GLU A 71 9.49 25.38 25.65
CA GLU A 71 9.84 26.18 24.48
C GLU A 71 8.63 26.47 23.62
N ALA A 72 8.65 27.62 23.00
CA ALA A 72 7.70 27.93 21.94
C ALA A 72 8.07 27.19 20.67
N PRO A 73 7.07 26.66 19.94
CA PRO A 73 7.35 26.10 18.63
C PRO A 73 7.76 27.20 17.67
N SER A 74 8.56 26.82 16.70
CA SER A 74 9.00 27.78 15.72
C SER A 74 7.81 28.36 14.94
N PRO A 75 7.84 29.67 14.65
CA PRO A 75 6.79 30.23 13.77
C PRO A 75 6.66 29.53 12.44
N ASP A 76 7.74 29.01 11.91
CA ASP A 76 7.67 28.42 10.59
C ASP A 76 7.13 27.00 10.57
N ALA A 77 6.80 26.40 11.74
CA ALA A 77 6.32 25.03 11.82
C ALA A 77 4.80 24.98 11.86
N ALA A 78 4.23 23.91 11.33
CA ALA A 78 2.79 23.80 11.36
C ALA A 78 2.35 23.22 12.72
N LYS A 79 1.29 23.76 13.24
CA LYS A 79 0.70 23.34 14.48
C LYS A 79 -0.69 22.80 14.18
N ILE A 80 -0.94 21.55 14.53
CA ILE A 80 -2.22 20.91 14.23
C ILE A 80 -2.87 20.32 15.48
N PRO A 81 -3.94 20.91 15.96
CA PRO A 81 -4.75 20.33 17.04
C PRO A 81 -5.86 19.45 16.49
N GLU A 82 -6.68 18.89 17.37
CA GLU A 82 -7.81 18.02 17.04
C GLU A 82 -7.41 16.61 16.61
N SER A 83 -7.59 15.64 17.46
CA SER A 83 -7.07 14.29 17.23
C SER A 83 -7.59 13.71 15.92
N LEU A 84 -8.88 13.92 15.58
CA LEU A 84 -9.40 13.35 14.35
C LEU A 84 -8.83 14.04 13.11
N VAL A 85 -8.54 15.33 13.21
CA VAL A 85 -7.86 16.03 12.13
C VAL A 85 -6.43 15.52 12.00
N ILE A 86 -5.79 15.24 13.14
CA ILE A 86 -4.42 14.75 13.12
C ILE A 86 -4.38 13.36 12.46
N LEU A 87 -5.35 12.51 12.79
CA LEU A 87 -5.42 11.20 12.15
C LEU A 87 -5.48 11.32 10.64
N GLU A 88 -6.35 12.20 10.13
CA GLU A 88 -6.46 12.39 8.69
C GLU A 88 -5.17 12.99 8.13
N PHE A 89 -4.59 13.94 8.85
CA PHE A 89 -3.30 14.48 8.48
C PHE A 89 -2.26 13.38 8.32
N LEU A 90 -2.25 12.38 9.24
CA LEU A 90 -1.21 11.34 9.15
C LEU A 90 -1.49 10.34 8.03
N ALA A 91 -2.76 10.05 7.73
CA ALA A 91 -3.03 9.23 6.54
C ALA A 91 -2.55 9.92 5.25
N ASP A 92 -2.55 11.27 5.21
CA ASP A 92 -2.08 12.06 4.05
C ASP A 92 -0.55 12.13 4.00
N LEU A 93 0.10 12.30 5.15
CA LEU A 93 1.56 12.27 5.23
C LEU A 93 2.14 10.92 4.80
N PHE A 94 1.43 9.83 5.09
CA PHE A 94 1.96 8.47 4.94
C PHE A 94 1.02 7.62 4.11
N PRO A 95 0.80 8.01 2.85
CA PRO A 95 -0.10 7.24 1.97
C PRO A 95 0.28 5.77 1.82
N ALA A 96 1.57 5.42 1.85
CA ALA A 96 2.01 4.02 1.71
C ALA A 96 1.69 3.16 2.93
N ALA A 97 1.43 3.76 4.08
CA ALA A 97 0.96 3.02 5.24
C ALA A 97 -0.50 2.65 5.14
N HIS A 98 -1.26 3.36 4.33
CA HIS A 98 -2.68 3.06 4.14
C HIS A 98 -3.45 3.10 5.44
N LEU A 99 -3.25 4.17 6.18
CA LEU A 99 -4.09 4.39 7.35
C LEU A 99 -5.56 4.51 6.97
N LEU A 100 -5.88 4.78 5.72
CA LEU A 100 -7.22 4.64 5.18
C LEU A 100 -7.15 3.73 3.96
N PRO A 101 -8.22 3.00 3.67
CA PRO A 101 -8.24 2.27 2.39
C PRO A 101 -8.23 3.24 1.23
N SER A 102 -7.90 2.72 0.04
CA SER A 102 -7.83 3.56 -1.17
C SER A 102 -9.21 3.80 -1.78
N ASP A 103 -10.14 2.84 -1.71
CA ASP A 103 -11.48 3.01 -2.30
C ASP A 103 -12.30 4.11 -1.58
N PRO A 104 -12.97 5.01 -2.33
CA PRO A 104 -13.67 6.12 -1.66
C PRO A 104 -14.85 5.68 -0.81
N VAL A 105 -15.58 4.66 -1.23
CA VAL A 105 -16.68 4.14 -0.42
C VAL A 105 -16.15 3.57 0.90
N LEU A 106 -15.10 2.75 0.84
CA LEU A 106 -14.56 2.22 2.09
C LEU A 106 -13.99 3.33 2.97
N ARG A 107 -13.38 4.37 2.37
CA ARG A 107 -12.96 5.52 3.15
C ARG A 107 -14.15 6.18 3.82
N ALA A 108 -15.27 6.35 3.09
CA ALA A 108 -16.44 6.91 3.73
C ALA A 108 -16.95 6.02 4.87
N ARG A 109 -16.83 4.71 4.71
CA ARG A 109 -17.29 3.77 5.74
C ARG A 109 -16.54 4.02 7.04
N ALA A 110 -15.23 4.18 6.94
CA ALA A 110 -14.37 4.48 8.08
C ALA A 110 -14.80 5.77 8.76
N ARG A 111 -15.02 6.82 7.96
CA ARG A 111 -15.41 8.12 8.46
C ARG A 111 -16.79 8.08 9.09
N LEU A 112 -17.71 7.33 8.51
CA LEU A 112 -19.01 7.16 9.12
C LEU A 112 -18.88 6.50 10.48
N PHE A 113 -18.13 5.40 10.53
CA PHE A 113 -17.90 4.71 11.80
C PHE A 113 -17.38 5.67 12.88
N THR A 114 -16.40 6.50 12.54
CA THR A 114 -15.86 7.48 13.46
C THR A 114 -16.91 8.52 13.85
N THR A 115 -17.65 9.02 12.85
CA THR A 115 -18.74 9.95 13.13
C THR A 115 -19.62 9.41 14.25
N ALA A 116 -19.88 8.10 14.22
CA ALA A 116 -20.77 7.50 15.22
C ALA A 116 -20.12 7.42 16.59
N VAL A 117 -18.81 7.13 16.63
CA VAL A 117 -18.10 7.17 17.90
C VAL A 117 -18.25 8.54 18.50
N GLU A 118 -18.21 9.56 17.65
CA GLU A 118 -18.16 10.94 18.12
C GLU A 118 -19.54 11.45 18.56
N THR A 119 -20.61 10.99 17.90
CA THR A 119 -21.93 11.58 18.13
C THR A 119 -22.80 10.68 18.99
N GLU A 120 -22.40 9.44 19.16
CA GLU A 120 -23.16 8.49 19.96
C GLU A 120 -22.37 7.96 21.14
N LEU A 121 -21.14 7.49 20.93
CA LEU A 121 -20.42 6.75 21.98
C LEU A 121 -19.88 7.71 23.03
N LEU A 122 -19.19 8.75 22.59
CA LEU A 122 -18.63 9.70 23.54
C LEU A 122 -19.69 10.39 24.37
N PRO A 123 -20.84 10.79 23.83
CA PRO A 123 -21.82 11.41 24.69
C PRO A 123 -22.45 10.41 25.62
N ALA A 124 -22.60 9.16 25.18
CA ALA A 124 -23.10 8.15 26.10
C ALA A 124 -22.11 7.92 27.24
N GLN A 125 -20.82 7.77 26.91
CA GLN A 125 -19.80 7.67 27.95
C GLN A 125 -19.84 8.87 28.88
N LYS A 126 -20.00 10.05 28.33
CA LYS A 126 -20.07 11.26 29.12
C LYS A 126 -21.24 11.30 30.08
N ALA A 127 -22.40 10.88 29.65
CA ALA A 127 -23.56 10.92 30.49
C ALA A 127 -23.38 9.96 31.62
N PHE A 128 -22.76 8.84 31.30
CA PHE A 128 -22.50 7.73 32.19
C PHE A 128 -21.37 7.93 33.18
N PHE A 129 -20.21 8.33 32.72
CA PHE A 129 -19.07 8.51 33.58
C PHE A 129 -19.07 9.82 34.32
N LEU A 130 -19.59 10.86 33.73
CA LEU A 130 -19.58 12.16 34.34
C LEU A 130 -20.89 12.56 34.97
N MET A 131 -22.01 12.27 34.33
CA MET A 131 -23.30 12.70 34.87
C MET A 131 -24.10 11.64 35.60
N GLY A 132 -23.50 10.51 35.90
CA GLY A 132 -24.17 9.45 36.63
C GLY A 132 -25.40 8.81 36.06
N GLY A 133 -25.46 8.72 34.76
CA GLY A 133 -26.59 8.13 34.08
C GLY A 133 -26.66 6.62 34.17
N PRO A 134 -27.82 6.05 33.83
CA PRO A 134 -28.05 4.62 34.04
C PRO A 134 -27.15 3.77 33.16
N PRO A 135 -26.80 2.56 33.60
CA PRO A 135 -25.84 1.76 32.81
C PRO A 135 -26.43 1.17 31.54
N ASP A 136 -27.73 0.96 31.47
CA ASP A 136 -28.32 0.39 30.26
C ASP A 136 -28.22 1.36 29.08
N ALA A 137 -28.30 2.66 29.32
CA ALA A 137 -28.07 3.63 28.26
C ALA A 137 -26.66 3.48 27.69
N MET A 138 -25.67 3.22 28.54
CA MET A 138 -24.30 3.11 28.06
C MET A 138 -24.13 1.84 27.26
N LEU A 139 -24.73 0.74 27.74
CA LEU A 139 -24.67 -0.55 27.05
C LEU A 139 -25.35 -0.49 25.69
N ALA A 140 -26.34 0.37 25.56
CA ALA A 140 -27.06 0.49 24.31
C ALA A 140 -26.17 1.12 23.25
N ALA A 141 -25.45 2.16 23.64
CA ALA A 141 -24.47 2.74 22.74
C ALA A 141 -23.33 1.76 22.42
N LEU A 142 -23.00 0.88 23.36
CA LEU A 142 -22.00 -0.15 23.06
C LEU A 142 -22.59 -1.23 22.15
N ASP A 143 -23.82 -1.70 22.41
CA ASP A 143 -24.48 -2.63 21.48
C ASP A 143 -24.41 -2.11 20.05
N ALA A 144 -24.82 -0.85 19.85
CA ALA A 144 -24.83 -0.21 18.54
C ALA A 144 -23.44 -0.14 17.95
N LEU A 145 -22.44 0.22 18.75
CA LEU A 145 -21.08 0.21 18.27
C LEU A 145 -20.72 -1.18 17.76
N GLN A 146 -20.94 -2.18 18.59
CA GLN A 146 -20.55 -3.53 18.19
C GLN A 146 -21.24 -3.94 16.90
N ALA A 147 -22.50 -3.56 16.75
CA ALA A 147 -23.26 -4.01 15.58
C ALA A 147 -22.72 -3.39 14.29
N ARG A 148 -22.11 -2.21 14.36
CA ARG A 148 -21.47 -1.56 13.23
C ARG A 148 -20.15 -2.22 12.82
N LEU A 149 -19.64 -3.17 13.62
CA LEU A 149 -18.43 -3.88 13.23
C LEU A 149 -18.77 -4.95 12.19
N PRO A 150 -17.83 -5.27 11.30
CA PRO A 150 -17.98 -6.46 10.46
C PRO A 150 -18.20 -7.70 11.30
N PRO A 151 -19.33 -8.39 11.15
CA PRO A 151 -19.64 -9.47 12.11
C PRO A 151 -18.67 -10.64 12.04
N ALA A 152 -18.14 -10.97 10.86
CA ALA A 152 -17.26 -12.14 10.73
C ALA A 152 -15.97 -11.97 11.53
N GLY A 153 -15.44 -10.74 11.57
CA GLY A 153 -14.14 -10.48 12.12
C GLY A 153 -13.60 -9.19 11.54
N GLY A 154 -12.33 -8.92 11.81
CA GLY A 154 -11.71 -7.71 11.25
C GLY A 154 -11.96 -6.44 12.05
N PHE A 155 -11.62 -5.34 11.42
CA PHE A 155 -11.53 -4.05 12.10
C PHE A 155 -12.73 -3.18 11.73
N ALA A 156 -12.65 -1.91 12.13
CA ALA A 156 -13.87 -1.09 12.13
C ALA A 156 -14.42 -0.95 10.73
N ALA A 157 -13.52 -0.81 9.73
CA ALA A 157 -13.92 -0.46 8.37
C ALA A 157 -13.81 -1.63 7.40
N GLY A 158 -13.40 -2.80 7.88
CA GLY A 158 -13.15 -3.92 7.01
C GLY A 158 -12.06 -4.79 7.57
N PRO A 159 -11.46 -5.60 6.69
CA PRO A 159 -10.37 -6.49 7.13
C PRO A 159 -9.09 -5.78 7.50
N GLN A 160 -8.87 -4.54 7.04
CA GLN A 160 -7.66 -3.78 7.35
C GLN A 160 -7.87 -2.76 8.46
N TRP A 161 -6.84 -2.65 9.32
CA TRP A 161 -6.78 -1.60 10.31
C TRP A 161 -6.83 -0.22 9.63
N SER A 162 -7.49 0.73 10.28
CA SER A 162 -7.56 2.08 9.75
C SER A 162 -7.64 3.08 10.91
N ILE A 163 -7.51 4.36 10.59
CA ILE A 163 -7.63 5.40 11.61
C ILE A 163 -8.98 5.39 12.31
N ALA A 164 -9.96 4.63 11.83
CA ALA A 164 -11.21 4.51 12.56
C ALA A 164 -11.06 3.61 13.80
N ASP A 165 -10.22 2.56 13.72
CA ASP A 165 -9.81 1.83 14.91
C ASP A 165 -9.00 2.72 15.84
N ALA A 166 -8.13 3.59 15.27
CA ALA A 166 -7.36 4.52 16.10
C ALA A 166 -8.28 5.48 16.84
N ALA A 167 -9.42 5.78 16.25
CA ALA A 167 -10.32 6.69 16.92
C ALA A 167 -11.05 6.03 18.08
N VAL A 168 -11.40 4.75 18.01
CA VAL A 168 -12.29 4.17 19.02
C VAL A 168 -11.55 3.35 20.09
N MET A 169 -10.43 2.76 19.75
CA MET A 169 -9.76 1.86 20.69
C MET A 169 -9.34 2.55 21.98
N PRO A 170 -8.80 3.76 21.97
CA PRO A 170 -8.46 4.39 23.26
C PRO A 170 -9.68 4.65 24.15
N ILE A 171 -10.83 4.96 23.57
CA ILE A 171 -12.04 5.14 24.37
C ILE A 171 -12.42 3.81 25.00
N LEU A 172 -12.47 2.74 24.20
CA LEU A 172 -12.82 1.43 24.73
C LEU A 172 -11.90 1.02 25.87
N LEU A 173 -10.59 1.12 25.69
CA LEU A 173 -9.69 0.69 26.76
C LEU A 173 -9.95 1.47 28.04
N ARG A 174 -10.10 2.78 27.96
CA ARG A 174 -10.24 3.59 29.16
C ARG A 174 -11.62 3.41 29.79
N LEU A 175 -12.62 3.06 29.00
CA LEU A 175 -13.95 2.82 29.54
C LEU A 175 -13.96 1.55 30.37
N ARG A 176 -13.36 0.50 29.83
CA ARG A 176 -13.15 -0.73 30.57
C ARG A 176 -12.40 -0.46 31.87
N MET A 177 -11.26 0.19 31.77
CA MET A 177 -10.49 0.43 32.98
C MET A 177 -11.31 1.22 33.99
N SER A 178 -12.03 2.21 33.51
CA SER A 178 -12.78 3.11 34.36
C SER A 178 -13.88 2.37 35.13
N VAL A 179 -14.58 1.43 34.50
CA VAL A 179 -15.68 0.77 35.20
C VAL A 179 -15.19 -0.42 35.99
N THR A 180 -13.99 -0.90 35.68
CA THR A 180 -13.40 -2.00 36.41
C THR A 180 -12.82 -1.52 37.73
N LEU A 181 -12.19 -0.34 37.74
CA LEU A 181 -11.77 0.29 38.99
C LEU A 181 -12.82 1.19 39.61
N GLU A 182 -14.00 1.32 38.99
CA GLU A 182 -15.01 2.24 39.48
C GLU A 182 -14.33 3.55 39.85
N VAL A 183 -13.87 4.23 38.84
CA VAL A 183 -13.23 5.49 38.97
C VAL A 183 -14.06 6.40 38.08
N GLY A 184 -14.95 7.15 38.71
CA GLY A 184 -15.86 7.99 37.97
C GLY A 184 -17.02 8.41 38.85
N PHE A 185 -17.83 9.30 38.30
CA PHE A 185 -19.02 9.82 38.98
C PHE A 185 -20.22 8.93 38.66
N PHE A 186 -20.11 7.64 38.98
CA PHE A 186 -21.16 6.69 38.59
C PHE A 186 -22.33 6.70 39.57
N ALA A 187 -23.49 6.33 39.06
CA ALA A 187 -24.59 6.05 39.95
C ALA A 187 -24.35 4.73 40.68
N PRO A 188 -24.89 4.60 41.89
CA PRO A 188 -24.72 3.34 42.62
C PRO A 188 -24.98 2.12 41.78
N GLY A 189 -23.99 1.24 41.73
CA GLY A 189 -24.12 -0.05 41.10
C GLY A 189 -24.08 -0.05 39.59
N ALA A 190 -23.91 1.11 38.96
CA ALA A 190 -23.95 1.18 37.50
C ALA A 190 -22.62 0.74 36.86
N ALA A 191 -21.49 1.12 37.45
CA ALA A 191 -20.20 0.63 36.95
C ALA A 191 -20.12 -0.89 36.91
N PRO A 192 -20.46 -1.63 37.98
CA PRO A 192 -20.39 -3.10 37.89
C PRO A 192 -21.31 -3.70 36.85
N VAL A 193 -22.48 -3.11 36.60
CA VAL A 193 -23.33 -3.63 35.53
C VAL A 193 -22.60 -3.56 34.20
N VAL A 194 -22.02 -2.40 33.91
CA VAL A 194 -21.34 -2.28 32.61
C VAL A 194 -20.14 -3.21 32.56
N ARG A 195 -19.32 -3.24 33.62
CA ARG A 195 -18.15 -4.11 33.64
C ARG A 195 -18.53 -5.57 33.38
N ALA A 196 -19.51 -6.09 34.11
CA ALA A 196 -19.91 -7.51 33.92
C ALA A 196 -20.52 -7.74 32.55
N ALA A 197 -21.32 -6.81 32.04
CA ALA A 197 -21.83 -6.93 30.66
C ALA A 197 -20.71 -6.91 29.62
N LEU A 198 -19.62 -6.14 29.85
CA LEU A 198 -18.54 -6.18 28.88
C LEU A 198 -17.81 -7.52 28.85
N GLU A 199 -17.88 -8.31 29.93
CA GLU A 199 -17.24 -9.63 29.96
C GLU A 199 -18.16 -10.76 29.53
N SER A 200 -19.45 -10.49 29.21
CA SER A 200 -20.50 -11.47 28.96
C SER A 200 -20.69 -11.73 27.46
N PRO A 201 -21.40 -12.80 27.10
CA PRO A 201 -21.50 -13.14 25.67
C PRO A 201 -22.27 -12.13 24.83
N ARG A 202 -23.02 -11.22 25.47
CA ARG A 202 -23.59 -10.10 24.74
C ARG A 202 -22.52 -9.29 23.99
N PHE A 203 -21.32 -9.13 24.55
CA PHE A 203 -20.32 -8.25 23.95
C PHE A 203 -19.09 -9.02 23.48
N ALA A 204 -19.31 -10.28 23.09
CA ALA A 204 -18.22 -11.12 22.61
C ALA A 204 -17.59 -10.58 21.34
N ARG A 205 -18.41 -10.10 20.38
CA ARG A 205 -17.85 -9.56 19.15
C ARG A 205 -16.95 -8.39 19.45
N LEU A 206 -17.37 -7.54 20.38
CA LEU A 206 -16.59 -6.38 20.77
C LEU A 206 -15.34 -6.76 21.56
N GLN A 207 -15.43 -7.75 22.46
CA GLN A 207 -14.23 -8.29 23.11
C GLN A 207 -13.23 -8.79 22.10
N ARG A 208 -13.73 -9.39 21.01
CA ARG A 208 -12.85 -9.84 19.94
C ARG A 208 -12.14 -8.66 19.32
N TYR A 209 -12.91 -7.63 18.97
CA TYR A 209 -12.36 -6.45 18.32
C TYR A 209 -11.24 -5.83 19.16
N ILE A 210 -11.49 -5.62 20.44
CA ILE A 210 -10.47 -5.08 21.36
C ILE A 210 -9.24 -5.97 21.38
N ALA A 211 -9.45 -7.28 21.47
CA ALA A 211 -8.34 -8.21 21.51
C ALA A 211 -7.50 -8.12 20.24
N ASP A 212 -8.16 -8.19 19.07
CA ASP A 212 -7.47 -8.10 17.79
C ASP A 212 -6.64 -6.82 17.67
N ASN A 213 -7.18 -5.70 18.16
CA ASN A 213 -6.43 -4.44 18.16
C ASN A 213 -5.27 -4.48 19.15
N VAL A 214 -5.50 -5.04 20.34
CA VAL A 214 -4.45 -5.08 21.35
C VAL A 214 -3.32 -6.00 20.91
N ALA A 215 -3.61 -7.00 20.08
CA ALA A 215 -2.57 -7.89 19.59
C ALA A 215 -1.62 -7.21 18.61
N ARG A 216 -1.98 -6.05 18.07
CA ARG A 216 -1.08 -5.42 17.12
C ARG A 216 0.06 -4.70 17.84
N PRO A 217 1.25 -4.66 17.23
CA PRO A 217 2.42 -4.04 17.91
C PRO A 217 2.17 -2.62 18.37
N SER A 218 1.32 -1.90 17.67
CA SER A 218 1.03 -0.50 17.95
C SER A 218 0.38 -0.28 19.30
N MET A 219 -0.29 -1.28 19.87
CA MET A 219 -0.85 -1.08 21.20
C MET A 219 0.24 -1.12 22.25
N ALA A 220 1.05 -2.18 22.25
CA ALA A 220 2.12 -2.24 23.24
C ALA A 220 2.98 -0.99 23.16
N ALA A 221 3.16 -0.44 21.95
CA ALA A 221 3.99 0.75 21.82
C ALA A 221 3.28 2.04 22.21
N THR A 222 2.01 2.00 22.63
CA THR A 222 1.28 3.24 22.91
C THR A 222 0.47 3.22 24.19
N TRP A 223 0.19 2.06 24.74
CA TRP A 223 -0.74 1.88 25.83
C TRP A 223 0.10 1.39 26.99
N ASP A 224 0.37 2.29 27.93
CA ASP A 224 1.08 1.98 29.17
C ASP A 224 0.03 2.06 30.26
N GLU A 225 -0.58 0.93 30.59
CA GLU A 225 -1.78 1.02 31.41
C GLU A 225 -1.47 1.60 32.78
N ALA A 226 -0.31 1.30 33.37
CA ALA A 226 -0.06 1.86 34.69
C ALA A 226 0.06 3.37 34.65
N ALA A 227 0.75 3.93 33.63
CA ALA A 227 0.81 5.39 33.46
C ALA A 227 -0.57 5.99 33.16
N VAL A 228 -1.40 5.31 32.39
CA VAL A 228 -2.71 5.87 32.10
C VAL A 228 -3.54 5.90 33.38
N LYS A 229 -3.54 4.78 34.10
CA LYS A 229 -4.31 4.71 35.32
C LYS A 229 -3.84 5.75 36.36
N ALA A 230 -2.54 5.92 36.52
CA ALA A 230 -2.09 6.88 37.49
C ALA A 230 -2.61 8.28 37.17
N GLU A 231 -2.48 8.73 35.92
CA GLU A 231 -2.95 10.07 35.54
C GLU A 231 -4.47 10.16 35.47
N PHE A 232 -5.16 9.07 35.10
CA PHE A 232 -6.63 9.05 35.10
C PHE A 232 -7.21 9.15 36.53
N VAL A 233 -6.59 8.45 37.50
CA VAL A 233 -7.07 8.53 38.89
C VAL A 233 -6.74 9.88 39.46
N GLY A 234 -5.52 10.35 39.23
CA GLY A 234 -5.14 11.64 39.74
C GLY A 234 -5.99 12.77 39.20
N ARG A 235 -6.37 12.69 37.91
CA ARG A 235 -7.25 13.70 37.31
C ARG A 235 -8.62 13.63 37.96
N PHE A 236 -9.16 12.43 38.08
CA PHE A 236 -10.49 12.27 38.65
C PHE A 236 -10.54 12.76 40.10
N GLU A 237 -9.56 12.39 40.92
CA GLU A 237 -9.57 12.84 42.30
C GLU A 237 -9.41 14.35 42.40
N LYS A 238 -8.60 14.95 41.53
CA LYS A 238 -8.52 16.40 41.54
C LYS A 238 -9.88 17.02 41.20
N LEU A 239 -10.48 16.57 40.11
CA LEU A 239 -11.76 17.13 39.70
C LEU A 239 -12.83 16.91 40.78
N ARG A 240 -12.89 15.73 41.38
CA ARG A 240 -13.82 15.51 42.48
C ARG A 240 -13.61 16.49 43.63
N SER A 241 -12.34 16.74 44.01
CA SER A 241 -12.10 17.61 45.16
C SER A 241 -12.62 19.02 44.90
N LEU A 242 -12.89 19.33 43.65
CA LEU A 242 -13.39 20.64 43.28
C LEU A 242 -14.88 20.57 43.05
N ALA B 3 -14.69 5.98 -15.94
CA ALA B 3 -16.06 6.49 -15.91
C ALA B 3 -16.46 6.87 -14.51
N GLN B 4 -17.59 7.57 -14.44
CA GLN B 4 -18.18 8.01 -13.18
C GLN B 4 -19.38 7.14 -12.88
N LYS B 5 -19.34 6.45 -11.73
CA LYS B 5 -20.52 5.71 -11.32
C LYS B 5 -21.64 6.71 -11.02
N ARG B 6 -22.85 6.19 -10.95
CA ARG B 6 -24.05 7.03 -10.84
C ARG B 6 -24.17 7.65 -9.45
N ILE B 7 -24.39 8.95 -9.45
CA ILE B 7 -24.67 9.72 -8.24
C ILE B 7 -26.10 10.27 -8.30
N THR B 8 -26.92 9.84 -7.33
CA THR B 8 -28.23 10.41 -7.06
C THR B 8 -28.22 11.00 -5.65
N LEU B 9 -28.47 12.30 -5.55
CA LEU B 9 -28.53 13.00 -4.27
C LEU B 9 -29.99 13.19 -3.82
N TYR B 10 -30.32 12.63 -2.65
CA TYR B 10 -31.59 12.90 -1.98
C TYR B 10 -31.42 14.15 -1.10
N MET B 11 -32.35 15.10 -1.20
CA MET B 11 -32.05 16.43 -0.67
C MET B 11 -33.34 17.21 -0.38
N ALA B 12 -33.14 18.49 -0.01
CA ALA B 12 -34.15 19.53 0.24
C ALA B 12 -33.42 20.87 0.29
N SER B 13 -34.18 21.97 0.31
CA SER B 13 -33.57 23.30 0.13
C SER B 13 -33.41 24.13 1.40
N ALA B 14 -34.25 23.95 2.43
CA ALA B 14 -34.18 24.80 3.63
C ALA B 14 -32.89 24.56 4.41
N SER B 15 -32.48 23.30 4.56
CA SER B 15 -31.27 22.97 5.31
C SER B 15 -30.03 23.39 4.52
N PRO B 16 -29.05 23.99 5.18
CA PRO B 16 -27.75 24.22 4.54
C PRO B 16 -27.03 22.95 4.09
N PHE B 17 -27.42 21.79 4.60
CA PHE B 17 -26.58 20.60 4.48
C PHE B 17 -26.62 19.96 3.09
N PRO B 18 -27.77 19.86 2.42
CA PRO B 18 -27.72 19.39 1.02
C PRO B 18 -27.06 20.40 0.13
N HIS B 19 -27.19 21.68 0.46
CA HIS B 19 -26.57 22.71 -0.34
C HIS B 19 -25.06 22.54 -0.35
N ARG B 20 -24.48 22.24 0.82
CA ARG B 20 -23.07 21.89 0.87
C ARG B 20 -22.71 20.85 -0.19
N VAL B 21 -23.50 19.77 -0.28
CA VAL B 21 -23.14 18.69 -1.19
C VAL B 21 -23.24 19.17 -2.63
N ARG B 22 -24.30 19.89 -2.95
CA ARG B 22 -24.45 20.42 -4.29
C ARG B 22 -23.25 21.28 -4.67
N LEU B 23 -22.81 22.17 -3.76
CA LEU B 23 -21.65 23.00 -4.09
C LEU B 23 -20.45 22.16 -4.55
N ALA B 24 -20.13 21.12 -3.81
CA ALA B 24 -18.97 20.33 -4.18
C ALA B 24 -19.22 19.62 -5.48
N LEU B 25 -20.43 19.06 -5.66
CA LEU B 25 -20.73 18.32 -6.87
C LEU B 25 -20.55 19.21 -8.09
N GLU B 26 -21.05 20.45 -8.03
CA GLU B 26 -20.83 21.42 -9.08
C GLU B 26 -19.35 21.74 -9.24
N GLU B 27 -18.61 21.92 -8.14
CA GLU B 27 -17.20 22.31 -8.31
C GLU B 27 -16.40 21.20 -8.95
N ALA B 28 -16.83 19.94 -8.79
CA ALA B 28 -16.20 18.81 -9.48
C ALA B 28 -16.77 18.57 -10.88
N HIS B 29 -17.69 19.41 -11.32
CA HIS B 29 -18.36 19.22 -12.63
C HIS B 29 -18.85 17.80 -12.75
N ALA B 30 -19.36 17.30 -11.65
CA ALA B 30 -19.87 15.94 -11.53
C ALA B 30 -21.19 15.75 -12.28
N THR B 31 -21.49 14.50 -12.58
CA THR B 31 -22.75 14.16 -13.21
C THR B 31 -23.66 13.48 -12.17
N TYR B 32 -24.86 14.03 -12.01
CA TYR B 32 -25.70 13.57 -10.90
C TYR B 32 -27.14 13.96 -11.14
N GLU B 33 -28.03 13.27 -10.43
CA GLU B 33 -29.44 13.60 -10.37
C GLU B 33 -29.82 13.90 -8.93
N MET B 34 -30.86 14.71 -8.77
CA MET B 34 -31.40 15.02 -7.46
C MET B 34 -32.83 14.49 -7.36
N ILE B 35 -33.19 14.11 -6.14
CA ILE B 35 -34.56 13.77 -5.76
C ILE B 35 -34.88 14.53 -4.50
N HIS B 36 -36.01 15.23 -4.48
CA HIS B 36 -36.40 15.97 -3.28
C HIS B 36 -37.11 15.04 -2.29
N ILE B 37 -37.16 15.47 -1.02
CA ILE B 37 -37.70 14.65 0.06
C ILE B 37 -38.40 15.53 1.08
N SER B 38 -39.72 15.29 1.30
CA SER B 38 -40.54 16.05 2.26
C SER B 38 -40.62 15.35 3.62
N LEU B 39 -41.34 15.96 4.57
CA LEU B 39 -41.60 15.30 5.85
C LEU B 39 -42.65 14.22 5.73
N VAL B 40 -43.47 14.26 4.67
CA VAL B 40 -44.37 13.14 4.36
C VAL B 40 -43.64 12.06 3.56
N ASP B 41 -42.64 12.43 2.75
CA ASP B 41 -41.80 11.41 2.11
C ASP B 41 -41.09 10.55 3.14
N LYS B 42 -40.57 11.16 4.21
CA LYS B 42 -39.85 10.41 5.23
C LYS B 42 -40.74 9.42 5.99
N GLN B 43 -42.05 9.65 6.03
CA GLN B 43 -42.98 8.67 6.59
C GLN B 43 -43.27 7.56 5.59
N ASP B 44 -43.85 7.93 4.45
CA ASP B 44 -44.45 6.96 3.53
C ASP B 44 -43.40 6.02 2.94
N TRP B 45 -42.32 6.57 2.38
CA TRP B 45 -41.39 5.75 1.60
C TRP B 45 -39.92 5.99 1.87
N TYR B 46 -39.48 7.15 2.36
CA TYR B 46 -38.04 7.36 2.51
C TYR B 46 -37.49 6.78 3.81
N GLN B 47 -38.30 6.61 4.86
CA GLN B 47 -37.85 5.82 5.99
C GLN B 47 -38.04 4.32 5.74
N LYS B 48 -39.14 3.93 5.09
CA LYS B 48 -39.39 2.50 4.90
C LYS B 48 -38.48 1.92 3.81
N LYS B 49 -38.19 2.68 2.74
CA LYS B 49 -37.61 2.10 1.53
C LYS B 49 -36.16 2.48 1.25
N VAL B 50 -35.70 3.69 1.58
CA VAL B 50 -34.43 4.22 1.10
C VAL B 50 -33.40 4.37 2.23
N TYR B 51 -33.77 5.01 3.35
CA TYR B 51 -32.84 5.28 4.46
C TYR B 51 -33.54 5.01 5.78
N PRO B 52 -33.51 3.74 6.27
CA PRO B 52 -34.32 3.38 7.44
C PRO B 52 -33.75 3.86 8.78
N ASP B 53 -32.42 3.95 8.85
CA ASP B 53 -31.76 4.24 10.12
C ASP B 53 -32.24 5.56 10.72
N ARG B 54 -32.19 6.64 9.92
CA ARG B 54 -32.48 7.97 10.41
C ARG B 54 -33.31 8.81 9.45
N ALA B 55 -33.59 8.35 8.23
CA ALA B 55 -34.41 9.07 7.27
C ALA B 55 -34.03 10.55 7.18
N GLN B 56 -32.72 10.82 7.24
CA GLN B 56 -32.19 12.17 7.09
C GLN B 56 -31.70 12.42 5.66
N VAL B 57 -31.77 13.68 5.24
CA VAL B 57 -31.03 14.10 4.06
C VAL B 57 -30.05 15.11 4.57
N PRO B 58 -28.96 15.31 3.83
CA PRO B 58 -28.67 14.67 2.54
C PRO B 58 -28.18 13.22 2.59
N TYR B 59 -28.34 12.57 1.45
CA TYR B 59 -28.08 11.16 1.27
C TYR B 59 -27.58 10.98 -0.16
N LEU B 60 -26.42 10.39 -0.32
CA LEU B 60 -25.91 10.10 -1.64
C LEU B 60 -26.10 8.63 -1.92
N ILE B 61 -26.64 8.30 -3.09
CA ILE B 61 -26.57 6.94 -3.62
C ILE B 61 -25.52 6.93 -4.70
N TYR B 62 -24.48 6.16 -4.50
CA TYR B 62 -23.38 6.04 -5.44
C TYR B 62 -23.41 4.65 -6.06
N GLY B 63 -23.49 4.61 -7.36
CA GLY B 63 -23.57 3.35 -8.06
C GLY B 63 -25.00 2.88 -8.26
N GLY B 64 -25.12 1.76 -8.97
CA GLY B 64 -26.40 1.18 -9.31
C GLY B 64 -27.07 1.88 -10.46
N PRO B 65 -28.32 1.52 -10.68
CA PRO B 65 -29.10 2.02 -11.81
C PRO B 65 -29.92 3.27 -11.46
N GLU B 66 -30.50 3.87 -12.51
CA GLU B 66 -31.34 5.06 -12.39
C GLU B 66 -32.37 4.90 -11.29
N LEU B 67 -32.47 5.92 -10.45
CA LEU B 67 -33.40 5.94 -9.32
C LEU B 67 -34.48 6.96 -9.59
N HIS B 68 -35.71 6.60 -9.28
CA HIS B 68 -36.79 7.57 -9.24
C HIS B 68 -37.35 7.60 -7.82
N PRO B 69 -38.29 8.50 -7.52
CA PRO B 69 -38.89 8.46 -6.17
C PRO B 69 -39.61 7.16 -5.90
N ASP B 70 -39.66 6.80 -4.62
CA ASP B 70 -40.37 5.65 -4.08
C ASP B 70 -39.75 4.30 -4.44
N GLU B 71 -38.61 4.29 -5.12
CA GLU B 71 -37.87 3.06 -5.31
C GLU B 71 -36.85 2.87 -4.19
N ALA B 72 -36.57 1.65 -3.89
CA ALA B 72 -35.47 1.45 -2.99
C ALA B 72 -34.15 1.46 -3.77
N PRO B 73 -33.08 1.95 -3.18
CA PRO B 73 -31.77 1.80 -3.81
C PRO B 73 -31.42 0.34 -3.92
N SER B 74 -30.69 0.00 -4.97
CA SER B 74 -30.29 -1.37 -5.13
C SER B 74 -29.41 -1.81 -3.95
N PRO B 75 -29.49 -3.08 -3.56
CA PRO B 75 -28.55 -3.58 -2.54
C PRO B 75 -27.10 -3.22 -2.81
N ASP B 76 -26.65 -3.29 -4.06
CA ASP B 76 -25.24 -3.19 -4.40
C ASP B 76 -24.74 -1.76 -4.57
N ALA B 77 -25.61 -0.76 -4.58
CA ALA B 77 -25.12 0.61 -4.53
C ALA B 77 -24.71 0.95 -3.10
N ALA B 78 -23.91 1.99 -2.97
CA ALA B 78 -23.51 2.52 -1.67
C ALA B 78 -24.41 3.68 -1.25
N LYS B 79 -24.81 3.68 0.02
CA LYS B 79 -25.59 4.78 0.59
C LYS B 79 -24.70 5.56 1.56
N ILE B 80 -24.54 6.84 1.31
CA ILE B 80 -23.58 7.66 2.06
C ILE B 80 -24.31 8.86 2.66
N PRO B 81 -24.56 8.87 3.99
CA PRO B 81 -25.12 10.07 4.61
C PRO B 81 -24.02 10.97 5.18
N GLU B 82 -24.45 12.06 5.83
CA GLU B 82 -23.60 12.97 6.60
C GLU B 82 -22.85 13.90 5.65
N SER B 83 -23.35 15.14 5.56
CA SER B 83 -22.90 16.03 4.50
C SER B 83 -21.38 16.17 4.49
N LEU B 84 -20.73 16.23 5.66
CA LEU B 84 -19.28 16.37 5.70
C LEU B 84 -18.56 15.14 5.15
N VAL B 85 -19.01 13.94 5.51
CA VAL B 85 -18.44 12.72 4.92
C VAL B 85 -18.63 12.72 3.42
N ILE B 86 -19.82 13.12 2.95
CA ILE B 86 -20.07 13.20 1.52
C ILE B 86 -19.11 14.19 0.86
N LEU B 87 -18.90 15.37 1.47
CA LEU B 87 -17.87 16.28 0.96
C LEU B 87 -16.52 15.58 0.86
N GLU B 88 -16.14 14.82 1.89
CA GLU B 88 -14.86 14.14 1.82
C GLU B 88 -14.90 13.08 0.73
N PHE B 89 -16.02 12.37 0.60
CA PHE B 89 -16.13 11.36 -0.44
C PHE B 89 -15.98 11.98 -1.82
N LEU B 90 -16.58 13.14 -2.05
CA LEU B 90 -16.48 13.78 -3.35
C LEU B 90 -15.06 14.21 -3.62
N ALA B 91 -14.32 14.65 -2.58
CA ALA B 91 -12.94 15.02 -2.85
C ALA B 91 -12.14 13.80 -3.23
N ASP B 92 -12.44 12.64 -2.61
CA ASP B 92 -11.77 11.38 -2.98
C ASP B 92 -12.15 10.93 -4.38
N LEU B 93 -13.41 11.11 -4.76
CA LEU B 93 -13.89 10.57 -6.01
C LEU B 93 -13.41 11.38 -7.21
N PHE B 94 -13.22 12.69 -7.04
CA PHE B 94 -12.86 13.59 -8.12
C PHE B 94 -11.54 14.28 -7.75
N PRO B 95 -10.46 13.50 -7.65
CA PRO B 95 -9.14 14.08 -7.32
C PRO B 95 -8.65 15.14 -8.30
N ALA B 96 -9.00 15.04 -9.59
CA ALA B 96 -8.58 16.06 -10.54
C ALA B 96 -9.19 17.43 -10.26
N ALA B 97 -10.32 17.45 -9.54
CA ALA B 97 -10.99 18.69 -9.15
C ALA B 97 -10.34 19.42 -7.96
N HIS B 98 -9.43 18.79 -7.22
CA HIS B 98 -8.81 19.40 -6.03
C HIS B 98 -9.86 20.12 -5.16
N LEU B 99 -10.91 19.38 -4.79
CA LEU B 99 -11.88 19.85 -3.79
C LEU B 99 -11.24 19.98 -2.42
N LEU B 100 -10.07 19.39 -2.26
CA LEU B 100 -9.18 19.67 -1.17
C LEU B 100 -7.81 19.96 -1.78
N PRO B 101 -7.05 20.83 -1.15
CA PRO B 101 -5.67 21.09 -1.61
C PRO B 101 -4.83 19.82 -1.55
N SER B 102 -3.71 19.84 -2.26
CA SER B 102 -2.85 18.68 -2.28
C SER B 102 -1.88 18.63 -1.10
N ASP B 103 -1.54 19.78 -0.52
CA ASP B 103 -0.56 19.81 0.54
C ASP B 103 -1.15 19.31 1.87
N PRO B 104 -0.50 18.37 2.57
CA PRO B 104 -1.17 17.78 3.75
C PRO B 104 -1.51 18.81 4.81
N VAL B 105 -0.67 19.82 5.04
CA VAL B 105 -0.98 20.85 6.03
C VAL B 105 -2.17 21.69 5.61
N LEU B 106 -2.31 22.04 4.32
CA LEU B 106 -3.45 22.85 3.91
C LEU B 106 -4.78 22.05 3.92
N ARG B 107 -4.71 20.72 3.70
CA ARG B 107 -5.87 19.85 3.94
C ARG B 107 -6.26 19.86 5.41
N ALA B 108 -5.29 19.81 6.31
CA ALA B 108 -5.62 19.92 7.72
C ALA B 108 -6.26 21.27 8.01
N ARG B 109 -5.74 22.32 7.39
CA ARG B 109 -6.27 23.65 7.65
C ARG B 109 -7.73 23.72 7.21
N ALA B 110 -8.06 23.12 6.06
CA ALA B 110 -9.45 23.04 5.61
C ALA B 110 -10.31 22.31 6.63
N ARG B 111 -9.86 21.12 7.09
CA ARG B 111 -10.62 20.37 8.10
C ARG B 111 -10.68 21.06 9.47
N LEU B 112 -9.66 21.82 9.87
CA LEU B 112 -9.78 22.60 11.10
C LEU B 112 -10.81 23.71 10.92
N PHE B 113 -10.82 24.35 9.77
CA PHE B 113 -11.88 25.32 9.50
C PHE B 113 -13.26 24.72 9.68
N THR B 114 -13.49 23.53 9.10
CA THR B 114 -14.81 22.94 9.14
C THR B 114 -15.17 22.54 10.56
N THR B 115 -14.22 21.93 11.25
CA THR B 115 -14.42 21.55 12.65
C THR B 115 -15.03 22.70 13.44
N ALA B 116 -14.56 23.89 13.18
CA ALA B 116 -14.95 25.03 13.96
C ALA B 116 -16.30 25.58 13.50
N VAL B 117 -16.64 25.39 12.26
CA VAL B 117 -17.98 25.70 11.82
C VAL B 117 -18.96 24.87 12.64
N GLU B 118 -18.63 23.61 12.84
CA GLU B 118 -19.48 22.62 13.47
C GLU B 118 -19.52 22.77 14.99
N THR B 119 -18.39 23.02 15.64
CA THR B 119 -18.39 23.09 17.10
C THR B 119 -18.69 24.46 17.64
N GLU B 120 -18.54 25.49 16.82
CA GLU B 120 -18.63 26.85 17.30
C GLU B 120 -19.70 27.66 16.55
N LEU B 121 -19.66 27.69 15.23
CA LEU B 121 -20.58 28.56 14.52
C LEU B 121 -22.01 28.03 14.61
N LEU B 122 -22.19 26.69 14.46
CA LEU B 122 -23.55 26.15 14.46
C LEU B 122 -24.17 26.22 15.85
N PRO B 123 -23.49 25.83 16.94
CA PRO B 123 -24.07 26.07 18.28
C PRO B 123 -24.46 27.50 18.54
N ALA B 124 -23.68 28.47 18.06
CA ALA B 124 -24.03 29.85 18.33
C ALA B 124 -25.31 30.22 17.60
N GLN B 125 -25.46 29.70 16.37
CA GLN B 125 -26.60 30.00 15.53
C GLN B 125 -27.86 29.43 16.14
N LYS B 126 -27.74 28.23 16.70
CA LYS B 126 -28.87 27.55 17.29
C LYS B 126 -29.39 28.31 18.51
N ALA B 127 -28.49 28.62 19.44
CA ALA B 127 -28.88 29.40 20.61
C ALA B 127 -29.38 30.79 20.24
N PHE B 128 -28.98 31.30 19.09
CA PHE B 128 -29.42 32.65 18.72
C PHE B 128 -30.72 32.66 17.93
N PHE B 129 -30.87 31.76 16.98
CA PHE B 129 -32.02 31.78 16.10
C PHE B 129 -33.14 30.91 16.63
N LEU B 130 -32.81 29.94 17.47
CA LEU B 130 -33.79 28.99 17.92
C LEU B 130 -34.07 29.05 19.42
N MET B 131 -33.24 29.77 20.20
CA MET B 131 -33.38 29.85 21.66
C MET B 131 -33.37 31.30 22.13
N GLY B 132 -33.51 32.23 21.22
CA GLY B 132 -33.61 33.63 21.56
C GLY B 132 -32.38 34.26 22.19
N GLY B 133 -31.19 33.71 21.95
CA GLY B 133 -29.98 34.22 22.59
C GLY B 133 -29.68 35.63 22.16
N PRO B 134 -28.87 36.37 22.92
CA PRO B 134 -28.56 37.77 22.56
C PRO B 134 -27.56 37.87 21.41
N PRO B 135 -27.62 38.97 20.65
CA PRO B 135 -26.84 39.05 19.41
C PRO B 135 -25.34 39.22 19.62
N ASP B 136 -24.91 39.67 20.79
CA ASP B 136 -23.50 39.67 21.17
C ASP B 136 -22.87 38.31 20.98
N ALA B 137 -23.51 37.28 21.50
CA ALA B 137 -22.95 35.94 21.40
C ALA B 137 -22.81 35.54 19.95
N MET B 138 -23.87 35.75 19.16
CA MET B 138 -23.85 35.45 17.72
C MET B 138 -22.71 36.20 17.04
N LEU B 139 -22.60 37.50 17.28
CA LEU B 139 -21.58 38.30 16.62
C LEU B 139 -20.17 37.93 17.05
N ALA B 140 -20.01 37.41 18.25
CA ALA B 140 -18.67 37.02 18.63
C ALA B 140 -18.29 35.69 17.98
N ALA B 141 -19.25 34.79 17.78
CA ALA B 141 -18.97 33.62 16.98
C ALA B 141 -18.59 34.00 15.55
N LEU B 142 -19.17 35.09 15.02
CA LEU B 142 -18.90 35.50 13.65
C LEU B 142 -17.55 36.22 13.56
N ASP B 143 -17.22 37.04 14.56
CA ASP B 143 -15.85 37.52 14.73
C ASP B 143 -14.85 36.38 14.67
N ALA B 144 -15.11 35.31 15.43
CA ALA B 144 -14.15 34.22 15.50
C ALA B 144 -14.02 33.53 14.15
N LEU B 145 -15.16 33.19 13.53
CA LEU B 145 -15.16 32.64 12.18
C LEU B 145 -14.35 33.52 11.23
N GLN B 146 -14.59 34.82 11.30
CA GLN B 146 -13.95 35.72 10.36
C GLN B 146 -12.44 35.72 10.56
N ALA B 147 -11.98 35.58 11.79
CA ALA B 147 -10.56 35.63 12.09
C ALA B 147 -9.87 34.34 11.70
N ARG B 148 -10.63 33.26 11.61
CA ARG B 148 -10.11 32.02 11.05
C ARG B 148 -9.96 32.08 9.52
N LEU B 149 -10.59 33.04 8.85
CA LEU B 149 -10.33 33.18 7.43
C LEU B 149 -8.90 33.66 7.24
N PRO B 150 -8.25 33.28 6.15
CA PRO B 150 -6.90 33.79 5.90
C PRO B 150 -6.95 35.29 5.76
N PRO B 151 -6.28 36.02 6.64
CA PRO B 151 -6.31 37.47 6.55
C PRO B 151 -5.70 38.02 5.27
N ALA B 152 -4.81 37.29 4.63
CA ALA B 152 -4.22 37.72 3.38
C ALA B 152 -5.12 37.42 2.16
N GLY B 153 -6.40 37.12 2.36
CA GLY B 153 -7.34 36.97 1.25
C GLY B 153 -7.54 35.52 0.83
N GLY B 154 -8.45 35.34 -0.11
CA GLY B 154 -8.81 34.02 -0.56
C GLY B 154 -9.87 33.29 0.25
N PHE B 155 -9.88 31.97 0.08
CA PHE B 155 -10.88 31.08 0.65
C PHE B 155 -10.44 30.49 1.99
N ALA B 156 -11.23 29.58 2.53
CA ALA B 156 -11.08 29.21 3.94
C ALA B 156 -9.71 28.56 4.20
N ALA B 157 -9.19 27.81 3.25
CA ALA B 157 -7.98 27.04 3.42
C ALA B 157 -6.80 27.70 2.73
N GLY B 158 -7.02 28.90 2.17
CA GLY B 158 -6.04 29.63 1.41
C GLY B 158 -6.56 29.95 0.03
N PRO B 159 -5.64 30.22 -0.93
CA PRO B 159 -6.03 30.75 -2.26
C PRO B 159 -7.08 29.94 -3.02
N GLN B 160 -7.05 28.62 -2.95
CA GLN B 160 -7.96 27.75 -3.68
C GLN B 160 -9.25 27.47 -2.90
N TRP B 161 -10.36 27.47 -3.61
CA TRP B 161 -11.63 26.99 -3.07
C TRP B 161 -11.49 25.53 -2.61
N SER B 162 -12.14 25.16 -1.49
CA SER B 162 -12.13 23.78 -1.00
C SER B 162 -13.50 23.45 -0.39
N ILE B 163 -13.67 22.20 0.04
CA ILE B 163 -14.90 21.79 0.69
C ILE B 163 -15.09 22.48 2.03
N ALA B 164 -14.06 23.14 2.57
CA ALA B 164 -14.32 23.97 3.74
C ALA B 164 -15.22 25.14 3.39
N ASP B 165 -15.06 25.71 2.19
CA ASP B 165 -16.01 26.72 1.73
C ASP B 165 -17.40 26.14 1.51
N ALA B 166 -17.49 24.93 0.93
CA ALA B 166 -18.79 24.34 0.73
C ALA B 166 -19.51 24.13 2.06
N ALA B 167 -18.76 23.87 3.15
CA ALA B 167 -19.42 23.55 4.43
C ALA B 167 -19.99 24.79 5.12
N VAL B 168 -19.38 25.96 4.95
CA VAL B 168 -19.82 27.12 5.73
C VAL B 168 -20.74 28.02 4.93
N MET B 169 -20.50 28.13 3.61
CA MET B 169 -21.22 29.12 2.79
C MET B 169 -22.74 28.96 2.89
N PRO B 170 -23.31 27.78 2.67
CA PRO B 170 -24.76 27.62 2.87
C PRO B 170 -25.23 28.17 4.20
N ILE B 171 -24.40 28.06 5.24
CA ILE B 171 -24.79 28.53 6.56
C ILE B 171 -24.85 30.04 6.59
N LEU B 172 -23.79 30.69 6.10
CA LEU B 172 -23.78 32.16 6.12
C LEU B 172 -24.92 32.74 5.28
N LEU B 173 -25.21 32.16 4.11
CA LEU B 173 -26.29 32.71 3.32
C LEU B 173 -27.64 32.65 4.06
N ARG B 174 -27.94 31.51 4.67
CA ARG B 174 -29.19 31.40 5.44
C ARG B 174 -29.16 32.21 6.73
N LEU B 175 -28.01 32.37 7.36
CA LEU B 175 -27.99 33.23 8.52
C LEU B 175 -28.37 34.63 8.14
N ARG B 176 -27.85 35.10 7.00
CA ARG B 176 -28.09 36.46 6.56
C ARG B 176 -29.56 36.62 6.19
N MET B 177 -30.10 35.66 5.44
CA MET B 177 -31.51 35.68 5.10
C MET B 177 -32.39 35.71 6.34
N SER B 178 -32.09 34.87 7.33
CA SER B 178 -33.02 34.74 8.46
C SER B 178 -33.07 36.02 9.30
N VAL B 179 -32.00 36.81 9.30
CA VAL B 179 -32.03 38.10 10.00
C VAL B 179 -32.41 39.25 9.08
N THR B 180 -32.36 39.05 7.76
CA THR B 180 -32.88 40.03 6.81
C THR B 180 -34.42 39.95 6.75
N LEU B 181 -34.98 38.73 6.73
CA LEU B 181 -36.44 38.50 6.85
C LEU B 181 -36.94 38.48 8.29
N GLU B 182 -36.07 38.54 9.28
CA GLU B 182 -36.49 38.43 10.68
C GLU B 182 -37.41 37.22 10.90
N VAL B 183 -36.99 36.06 10.40
CA VAL B 183 -37.69 34.81 10.63
C VAL B 183 -36.88 33.99 11.61
N GLY B 184 -37.39 33.84 12.82
CA GLY B 184 -36.67 33.10 13.82
C GLY B 184 -37.30 33.32 15.18
N PHE B 185 -36.75 32.60 16.15
CA PHE B 185 -37.13 32.78 17.54
C PHE B 185 -36.13 33.71 18.21
N PHE B 186 -36.13 34.94 17.74
CA PHE B 186 -35.14 35.91 18.19
C PHE B 186 -35.61 36.63 19.44
N ALA B 187 -34.67 36.96 20.27
CA ALA B 187 -34.79 38.04 21.22
C ALA B 187 -35.28 39.32 20.54
N PRO B 188 -35.93 40.21 21.27
CA PRO B 188 -36.43 41.47 20.68
C PRO B 188 -35.32 42.33 20.10
N GLY B 189 -35.47 42.68 18.82
CA GLY B 189 -34.47 43.50 18.16
C GLY B 189 -33.14 42.82 17.92
N ALA B 190 -32.99 41.54 18.23
CA ALA B 190 -31.73 40.87 17.98
C ALA B 190 -31.45 40.79 16.47
N ALA B 191 -32.44 40.35 15.69
CA ALA B 191 -32.24 40.20 14.25
C ALA B 191 -31.64 41.44 13.60
N PRO B 192 -32.19 42.65 13.79
CA PRO B 192 -31.60 43.79 13.06
C PRO B 192 -30.26 44.23 13.62
N VAL B 193 -29.92 43.86 14.84
CA VAL B 193 -28.56 44.14 15.32
C VAL B 193 -27.56 43.37 14.48
N VAL B 194 -27.80 42.08 14.30
CA VAL B 194 -26.91 41.20 13.56
C VAL B 194 -26.90 41.57 12.08
N ARG B 195 -28.07 41.91 11.53
CA ARG B 195 -28.14 42.32 10.13
C ARG B 195 -27.25 43.53 9.88
N ALA B 196 -27.37 44.55 10.73
CA ALA B 196 -26.62 45.78 10.54
C ALA B 196 -25.13 45.58 10.76
N ALA B 197 -24.76 44.70 11.69
CA ALA B 197 -23.34 44.44 11.94
C ALA B 197 -22.69 43.68 10.80
N LEU B 198 -23.42 42.77 10.16
CA LEU B 198 -22.86 42.02 9.04
C LEU B 198 -22.67 42.88 7.82
N GLU B 199 -23.36 44.01 7.76
CA GLU B 199 -23.17 44.96 6.68
C GLU B 199 -22.17 46.06 7.04
N SER B 200 -21.51 45.99 8.19
CA SER B 200 -20.62 47.04 8.67
C SER B 200 -19.15 46.68 8.60
N PRO B 201 -18.28 47.66 8.88
CA PRO B 201 -16.82 47.43 8.74
C PRO B 201 -16.28 46.33 9.64
N ARG B 202 -16.97 45.99 10.70
CA ARG B 202 -16.50 44.92 11.58
C ARG B 202 -16.42 43.57 10.84
N PHE B 203 -17.20 43.42 9.77
CA PHE B 203 -17.20 42.19 8.99
C PHE B 203 -16.83 42.40 7.51
N ALA B 204 -15.92 43.34 7.27
CA ALA B 204 -15.35 43.52 5.94
C ALA B 204 -14.73 42.25 5.39
N ARG B 205 -13.83 41.61 6.16
CA ARG B 205 -13.20 40.38 5.67
C ARG B 205 -14.26 39.32 5.30
N LEU B 206 -15.26 39.13 6.17
CA LEU B 206 -16.31 38.14 5.91
C LEU B 206 -17.18 38.51 4.71
N GLN B 207 -17.55 39.80 4.58
CA GLN B 207 -18.26 40.27 3.39
C GLN B 207 -17.54 39.87 2.11
N ARG B 208 -16.23 40.13 2.08
CA ARG B 208 -15.41 39.87 0.90
C ARG B 208 -15.35 38.37 0.60
N TYR B 209 -15.24 37.57 1.65
CA TYR B 209 -15.23 36.12 1.53
C TYR B 209 -16.57 35.63 0.97
N ILE B 210 -17.68 36.19 1.43
CA ILE B 210 -19.00 35.79 0.92
C ILE B 210 -19.13 36.15 -0.56
N ALA B 211 -18.76 37.39 -0.92
CA ALA B 211 -18.79 37.78 -2.32
C ALA B 211 -17.89 36.88 -3.19
N ASP B 212 -16.67 36.59 -2.72
CA ASP B 212 -15.79 35.70 -3.49
C ASP B 212 -16.48 34.36 -3.76
N ASN B 213 -17.30 33.88 -2.82
CA ASN B 213 -17.93 32.57 -3.03
C ASN B 213 -19.15 32.69 -3.93
N VAL B 214 -19.90 33.78 -3.76
CA VAL B 214 -21.13 33.98 -4.51
C VAL B 214 -20.85 34.23 -6.00
N ALA B 215 -19.69 34.81 -6.33
CA ALA B 215 -19.26 35.02 -7.72
C ALA B 215 -18.99 33.71 -8.50
N ARG B 216 -18.54 32.64 -7.84
CA ARG B 216 -18.20 31.42 -8.56
C ARG B 216 -19.44 30.83 -9.20
N PRO B 217 -19.32 30.24 -10.39
CA PRO B 217 -20.51 29.67 -11.04
C PRO B 217 -21.22 28.60 -10.21
N SER B 218 -20.55 28.01 -9.24
CA SER B 218 -21.19 26.94 -8.46
C SER B 218 -22.32 27.46 -7.57
N MET B 219 -22.32 28.73 -7.17
CA MET B 219 -23.38 29.26 -6.32
C MET B 219 -24.67 29.55 -7.09
N ALA B 220 -24.57 30.31 -8.16
CA ALA B 220 -25.66 30.47 -9.12
C ALA B 220 -26.27 29.12 -9.47
N ALA B 221 -25.47 28.09 -9.63
CA ALA B 221 -26.05 26.80 -9.98
C ALA B 221 -26.73 26.06 -8.81
N THR B 222 -26.55 26.48 -7.55
CA THR B 222 -27.09 25.74 -6.40
C THR B 222 -27.95 26.58 -5.47
N TRP B 223 -28.07 27.88 -5.72
CA TRP B 223 -28.75 28.79 -4.82
C TRP B 223 -29.93 29.40 -5.57
N ASP B 224 -31.12 29.12 -5.08
CA ASP B 224 -32.38 29.63 -5.62
C ASP B 224 -33.06 30.34 -4.43
N GLU B 225 -32.75 31.62 -4.27
CA GLU B 225 -33.28 32.45 -3.19
C GLU B 225 -34.71 32.06 -2.81
N ALA B 226 -35.64 32.14 -3.75
CA ALA B 226 -37.05 31.89 -3.45
C ALA B 226 -37.28 30.46 -2.94
N ALA B 227 -36.74 29.46 -3.62
CA ALA B 227 -36.90 28.10 -3.15
C ALA B 227 -36.37 27.93 -1.71
N VAL B 228 -35.22 28.54 -1.41
CA VAL B 228 -34.65 28.43 -0.07
C VAL B 228 -35.53 29.19 0.92
N LYS B 229 -35.87 30.43 0.58
CA LYS B 229 -36.74 31.23 1.43
C LYS B 229 -38.05 30.51 1.74
N ALA B 230 -38.78 30.14 0.68
CA ALA B 230 -40.03 29.36 0.86
C ALA B 230 -39.83 28.24 1.86
N GLU B 231 -38.82 27.41 1.63
CA GLU B 231 -38.68 26.25 2.48
C GLU B 231 -38.15 26.63 3.86
N PHE B 232 -37.30 27.66 3.95
CA PHE B 232 -36.86 28.12 5.27
C PHE B 232 -38.04 28.65 6.10
N VAL B 233 -38.91 29.45 5.51
CA VAL B 233 -40.06 29.94 6.26
C VAL B 233 -40.90 28.78 6.78
N GLY B 234 -41.22 27.83 5.89
CA GLY B 234 -41.94 26.63 6.27
C GLY B 234 -41.32 25.90 7.44
N ARG B 235 -40.02 25.55 7.36
CA ARG B 235 -39.37 24.86 8.47
C ARG B 235 -39.55 25.62 9.78
N PHE B 236 -39.49 26.96 9.73
CA PHE B 236 -39.71 27.74 10.94
C PHE B 236 -41.12 27.53 11.50
N GLU B 237 -42.14 27.44 10.63
CA GLU B 237 -43.51 27.22 11.10
C GLU B 237 -43.70 25.82 11.69
N LYS B 238 -43.04 24.82 11.12
CA LYS B 238 -43.06 23.49 11.74
C LYS B 238 -42.61 23.58 13.19
N LEU B 239 -41.38 24.05 13.39
CA LEU B 239 -40.87 24.31 14.73
C LEU B 239 -41.87 25.09 15.56
N ARG B 240 -42.25 26.28 15.08
CA ARG B 240 -43.21 27.13 15.77
C ARG B 240 -44.41 26.38 16.32
N SER B 241 -45.09 25.63 15.46
CA SER B 241 -46.26 24.86 15.87
C SER B 241 -45.98 24.11 17.16
N LEU B 242 -45.12 23.09 17.07
CA LEU B 242 -44.76 22.29 18.24
C LEU B 242 -43.98 23.12 19.25
N SER C 2 46.24 -19.78 -18.18
CA SER C 2 46.61 -18.58 -18.94
C SER C 2 46.12 -17.30 -18.24
N ALA C 3 46.74 -16.16 -18.54
CA ALA C 3 46.24 -14.91 -18.00
C ALA C 3 44.88 -14.56 -18.59
N GLN C 4 44.69 -14.74 -19.92
CA GLN C 4 43.40 -14.39 -20.54
C GLN C 4 42.23 -15.26 -20.05
N LYS C 5 42.49 -16.37 -19.34
CA LYS C 5 41.39 -17.27 -18.96
C LYS C 5 41.45 -17.73 -17.51
N ARG C 6 42.24 -17.06 -16.68
CA ARG C 6 42.33 -17.38 -15.28
C ARG C 6 41.00 -17.16 -14.55
N ILE C 7 40.65 -18.13 -13.69
CA ILE C 7 39.45 -18.02 -12.87
C ILE C 7 39.88 -17.94 -11.42
N THR C 8 39.44 -16.89 -10.73
CA THR C 8 39.50 -16.81 -9.28
C THR C 8 38.08 -16.70 -8.74
N LEU C 9 37.75 -17.55 -7.76
CA LEU C 9 36.41 -17.59 -7.20
C LEU C 9 36.49 -17.18 -5.76
N TYR C 10 35.80 -16.10 -5.45
CA TYR C 10 35.52 -15.73 -4.07
C TYR C 10 34.35 -16.57 -3.59
N MET C 11 34.54 -17.23 -2.47
CA MET C 11 33.57 -18.20 -2.00
C MET C 11 33.58 -18.27 -0.47
N ALA C 12 32.72 -19.13 0.04
CA ALA C 12 32.61 -19.41 1.45
C ALA C 12 31.99 -20.80 1.51
N SER C 13 31.89 -21.35 2.73
CA SER C 13 31.44 -22.71 2.90
C SER C 13 29.95 -22.84 3.25
N ALA C 14 29.42 -21.99 4.14
CA ALA C 14 28.10 -22.25 4.70
C ALA C 14 27.00 -22.07 3.67
N SER C 15 27.11 -21.07 2.85
CA SER C 15 26.01 -20.79 1.95
C SER C 15 26.00 -21.76 0.77
N PRO C 16 24.82 -22.04 0.19
CA PRO C 16 24.79 -22.93 -0.97
C PRO C 16 25.22 -22.27 -2.29
N PHE C 17 25.32 -20.94 -2.35
CA PHE C 17 25.45 -20.27 -3.65
C PHE C 17 26.86 -20.44 -4.24
N PRO C 18 27.94 -20.25 -3.48
CA PRO C 18 29.27 -20.59 -4.04
C PRO C 18 29.47 -22.09 -4.37
N HIS C 19 28.89 -22.98 -3.56
CA HIS C 19 28.90 -24.41 -3.90
C HIS C 19 28.36 -24.65 -5.31
N ARG C 20 27.25 -23.97 -5.69
CA ARG C 20 26.72 -24.07 -7.06
C ARG C 20 27.84 -23.91 -8.09
N VAL C 21 28.62 -22.86 -7.94
CA VAL C 21 29.67 -22.57 -8.89
C VAL C 21 30.73 -23.66 -8.89
N ARG C 22 31.20 -24.03 -7.69
CA ARG C 22 32.22 -25.05 -7.54
C ARG C 22 31.86 -26.34 -8.28
N LEU C 23 30.62 -26.79 -8.13
CA LEU C 23 30.20 -28.02 -8.81
C LEU C 23 30.36 -27.88 -10.32
N ALA C 24 29.95 -26.72 -10.88
CA ALA C 24 30.05 -26.50 -12.30
C ALA C 24 31.52 -26.49 -12.75
N LEU C 25 32.38 -25.79 -11.99
CA LEU C 25 33.79 -25.73 -12.30
C LEU C 25 34.42 -27.13 -12.34
N GLU C 26 34.12 -27.97 -11.32
CA GLU C 26 34.60 -29.35 -11.29
C GLU C 26 34.00 -30.19 -12.41
N GLU C 27 32.71 -30.00 -12.71
CA GLU C 27 32.12 -30.77 -13.82
C GLU C 27 32.77 -30.41 -15.15
N ALA C 28 33.34 -29.23 -15.27
CA ALA C 28 33.95 -28.81 -16.51
C ALA C 28 35.44 -29.06 -16.50
N HIS C 29 35.99 -29.54 -15.39
CA HIS C 29 37.41 -29.78 -15.26
C HIS C 29 38.17 -28.48 -15.50
N ALA C 30 37.74 -27.43 -14.83
CA ALA C 30 38.39 -26.14 -14.99
C ALA C 30 39.51 -25.95 -13.99
N THR C 31 40.47 -25.16 -14.41
CA THR C 31 41.53 -24.69 -13.54
C THR C 31 41.07 -23.41 -12.89
N TYR C 32 41.19 -23.32 -11.58
CA TYR C 32 40.68 -22.16 -10.89
C TYR C 32 41.26 -22.15 -9.49
N GLU C 33 41.17 -20.99 -8.87
CA GLU C 33 41.66 -20.74 -7.54
C GLU C 33 40.53 -20.17 -6.70
N MET C 34 40.55 -20.48 -5.42
CA MET C 34 39.52 -20.03 -4.50
C MET C 34 40.13 -19.09 -3.48
N ILE C 35 39.36 -18.06 -3.14
CA ILE C 35 39.65 -17.20 -2.00
C ILE C 35 38.44 -17.29 -1.06
N HIS C 36 38.70 -17.59 0.20
CA HIS C 36 37.62 -17.75 1.16
C HIS C 36 37.29 -16.42 1.83
N ILE C 37 36.01 -16.06 1.79
CA ILE C 37 35.45 -14.96 2.55
C ILE C 37 34.65 -15.55 3.71
N SER C 38 34.94 -15.12 4.91
CA SER C 38 34.19 -15.58 6.08
C SER C 38 32.74 -15.09 6.05
N LEU C 39 31.79 -16.00 6.24
CA LEU C 39 30.42 -15.57 6.44
C LEU C 39 30.09 -15.38 7.92
N VAL C 40 31.04 -15.62 8.82
CA VAL C 40 30.85 -15.27 10.22
C VAL C 40 31.34 -13.84 10.45
N ASP C 41 32.60 -13.58 10.12
CA ASP C 41 33.22 -12.27 10.34
C ASP C 41 33.96 -11.83 9.06
N LYS C 42 33.21 -11.17 8.19
CA LYS C 42 33.66 -10.92 6.84
C LYS C 42 34.82 -9.95 6.84
N GLN C 43 35.87 -10.31 6.11
CA GLN C 43 37.00 -9.41 5.95
C GLN C 43 36.49 -8.11 5.32
N ASP C 44 36.81 -6.98 5.94
CA ASP C 44 36.27 -5.74 5.39
C ASP C 44 37.03 -5.32 4.13
N TRP C 45 38.21 -5.88 3.90
CA TRP C 45 38.85 -5.67 2.61
C TRP C 45 38.03 -6.26 1.46
N TYR C 46 37.10 -7.19 1.69
CA TYR C 46 36.29 -7.70 0.58
C TYR C 46 35.39 -6.61 0.00
N GLN C 47 34.57 -5.97 0.85
CA GLN C 47 33.79 -4.79 0.43
C GLN C 47 34.67 -3.69 -0.18
N LYS C 48 35.78 -3.35 0.51
CA LYS C 48 36.52 -2.14 0.18
C LYS C 48 37.34 -2.28 -1.10
N LYS C 49 37.98 -3.45 -1.37
CA LYS C 49 38.84 -3.62 -2.53
C LYS C 49 38.26 -4.46 -3.67
N VAL C 50 37.26 -5.31 -3.40
CA VAL C 50 36.88 -6.40 -4.31
C VAL C 50 35.47 -6.20 -4.87
N TYR C 51 34.45 -6.16 -4.00
CA TYR C 51 33.05 -6.12 -4.43
C TYR C 51 32.31 -5.09 -3.57
N PRO C 52 32.52 -3.79 -3.85
CA PRO C 52 31.91 -2.76 -2.98
C PRO C 52 30.39 -2.68 -3.06
N ASP C 53 29.78 -3.01 -4.18
CA ASP C 53 28.32 -2.82 -4.30
C ASP C 53 27.55 -3.70 -3.33
N ARG C 54 27.85 -4.99 -3.30
CA ARG C 54 27.13 -5.96 -2.49
C ARG C 54 27.99 -6.80 -1.55
N ALA C 55 29.27 -6.99 -1.83
CA ALA C 55 30.16 -7.79 -0.98
C ALA C 55 29.58 -9.18 -0.69
N GLN C 56 28.94 -9.77 -1.68
CA GLN C 56 28.44 -11.12 -1.57
C GLN C 56 29.38 -12.11 -2.28
N VAL C 57 29.22 -13.39 -1.95
CA VAL C 57 29.84 -14.47 -2.63
C VAL C 57 28.66 -15.27 -3.18
N PRO C 58 28.85 -15.98 -4.30
CA PRO C 58 30.07 -16.12 -5.09
C PRO C 58 30.35 -14.93 -5.96
N TYR C 59 31.62 -14.75 -6.30
CA TYR C 59 32.09 -13.64 -7.14
C TYR C 59 33.25 -14.18 -7.96
N LEU C 60 33.07 -14.25 -9.27
CA LEU C 60 34.03 -14.87 -10.16
C LEU C 60 34.85 -13.82 -10.90
N ILE C 61 36.18 -13.95 -10.80
CA ILE C 61 37.11 -13.04 -11.47
C ILE C 61 37.71 -13.77 -12.66
N TYR C 62 37.46 -13.25 -13.86
CA TYR C 62 37.85 -13.93 -15.09
C TYR C 62 38.91 -13.12 -15.83
N GLY C 63 40.08 -13.75 -16.00
CA GLY C 63 41.18 -13.14 -16.69
C GLY C 63 42.05 -12.29 -15.76
N GLY C 64 43.27 -12.01 -16.23
CA GLY C 64 44.19 -11.19 -15.50
C GLY C 64 45.25 -11.97 -14.77
N PRO C 65 45.95 -11.27 -13.89
CA PRO C 65 47.00 -11.90 -13.12
C PRO C 65 46.46 -12.59 -11.87
N GLU C 66 47.33 -13.38 -11.28
CA GLU C 66 47.01 -14.11 -10.09
C GLU C 66 46.67 -13.17 -8.94
N LEU C 67 45.66 -13.57 -8.17
CA LEU C 67 44.95 -12.71 -7.27
C LEU C 67 45.02 -13.36 -5.90
N HIS C 68 45.31 -12.58 -4.88
CA HIS C 68 45.49 -13.08 -3.53
C HIS C 68 44.47 -12.42 -2.63
N PRO C 69 44.26 -12.92 -1.42
CA PRO C 69 43.38 -12.22 -0.47
C PRO C 69 43.90 -10.82 -0.20
N ASP C 70 42.96 -9.92 0.10
CA ASP C 70 43.26 -8.55 0.51
C ASP C 70 43.93 -7.78 -0.64
N GLU C 71 43.48 -8.03 -1.87
CA GLU C 71 43.92 -7.34 -3.08
C GLU C 71 42.74 -6.98 -3.95
N ALA C 72 42.89 -5.84 -4.66
CA ALA C 72 41.85 -5.49 -5.61
C ALA C 72 42.07 -6.25 -6.89
N PRO C 73 41.03 -6.76 -7.52
CA PRO C 73 41.21 -7.34 -8.86
C PRO C 73 41.69 -6.27 -9.82
N SER C 74 42.26 -6.72 -10.92
CA SER C 74 42.72 -5.81 -11.96
C SER C 74 41.51 -5.13 -12.63
N PRO C 75 41.65 -3.86 -13.01
CA PRO C 75 40.61 -3.24 -13.82
C PRO C 75 40.35 -3.97 -15.14
N ASP C 76 41.25 -4.77 -15.65
CA ASP C 76 41.03 -5.44 -16.91
C ASP C 76 40.43 -6.84 -16.78
N ALA C 77 40.34 -7.40 -15.57
CA ALA C 77 39.63 -8.66 -15.38
C ALA C 77 38.10 -8.45 -15.35
N ALA C 78 37.34 -9.47 -15.75
CA ALA C 78 35.88 -9.39 -15.71
C ALA C 78 35.40 -9.86 -14.33
N LYS C 79 34.35 -9.23 -13.83
CA LYS C 79 33.78 -9.58 -12.54
C LYS C 79 32.34 -10.00 -12.71
N ILE C 80 32.02 -11.22 -12.29
CA ILE C 80 30.72 -11.81 -12.50
C ILE C 80 30.12 -12.28 -11.16
N PRO C 81 29.14 -11.58 -10.64
CA PRO C 81 28.39 -12.10 -9.49
C PRO C 81 27.19 -12.90 -9.93
N GLU C 82 26.35 -13.30 -8.95
CA GLU C 82 25.12 -14.09 -9.15
C GLU C 82 25.39 -15.53 -9.53
N SER C 83 25.29 -16.42 -8.54
CA SER C 83 25.54 -17.84 -8.75
C SER C 83 24.89 -18.39 -10.03
N LEU C 84 23.66 -17.97 -10.36
CA LEU C 84 23.02 -18.53 -11.55
C LEU C 84 23.55 -17.94 -12.85
N VAL C 85 23.92 -16.66 -12.86
CA VAL C 85 24.57 -16.09 -14.04
C VAL C 85 25.93 -16.76 -14.26
N ILE C 86 26.63 -17.06 -13.16
CA ILE C 86 27.94 -17.70 -13.24
C ILE C 86 27.81 -19.10 -13.82
N LEU C 87 26.75 -19.83 -13.43
CA LEU C 87 26.57 -21.17 -14.00
C LEU C 87 26.42 -21.10 -15.49
N GLU C 88 25.59 -20.17 -15.97
CA GLU C 88 25.43 -19.95 -17.40
C GLU C 88 26.74 -19.49 -18.05
N PHE C 89 27.50 -18.62 -17.38
CA PHE C 89 28.82 -18.23 -17.85
C PHE C 89 29.72 -19.45 -18.12
N LEU C 90 29.84 -20.33 -17.12
CA LEU C 90 30.73 -21.46 -17.20
C LEU C 90 30.30 -22.42 -18.32
N ALA C 91 28.98 -22.58 -18.50
CA ALA C 91 28.46 -23.38 -19.61
C ALA C 91 28.81 -22.80 -20.96
N ASP C 92 28.92 -21.45 -21.05
CA ASP C 92 29.33 -20.76 -22.26
C ASP C 92 30.82 -20.88 -22.46
N LEU C 93 31.58 -20.87 -21.37
CA LEU C 93 33.03 -21.01 -21.44
C LEU C 93 33.46 -22.41 -21.80
N PHE C 94 32.71 -23.44 -21.41
CA PHE C 94 33.13 -24.84 -21.54
C PHE C 94 32.09 -25.64 -22.28
N PRO C 95 31.82 -25.31 -23.55
CA PRO C 95 30.80 -26.05 -24.31
C PRO C 95 31.10 -27.50 -24.42
N ALA C 96 32.38 -27.88 -24.42
CA ALA C 96 32.69 -29.29 -24.64
C ALA C 96 32.29 -30.12 -23.45
N ALA C 97 32.15 -29.48 -22.29
CA ALA C 97 31.74 -30.14 -21.06
C ALA C 97 30.22 -30.33 -20.98
N HIS C 98 29.44 -29.67 -21.82
CA HIS C 98 27.99 -29.83 -21.83
C HIS C 98 27.37 -29.64 -20.43
N LEU C 99 27.66 -28.48 -19.82
CA LEU C 99 26.98 -28.18 -18.57
C LEU C 99 25.51 -27.87 -18.80
N LEU C 100 25.14 -27.57 -20.05
CA LEU C 100 23.77 -27.63 -20.48
C LEU C 100 23.68 -28.58 -21.66
N PRO C 101 22.52 -29.17 -21.87
CA PRO C 101 22.27 -29.87 -23.14
C PRO C 101 22.35 -28.93 -24.34
N SER C 102 22.43 -29.51 -25.53
CA SER C 102 22.49 -28.75 -26.78
C SER C 102 21.09 -28.45 -27.36
N ASP C 103 20.15 -29.36 -27.26
CA ASP C 103 18.81 -29.11 -27.81
C ASP C 103 18.13 -27.93 -27.10
N PRO C 104 17.60 -26.98 -27.87
CA PRO C 104 16.93 -25.82 -27.24
C PRO C 104 15.86 -26.16 -26.21
N VAL C 105 15.06 -27.19 -26.44
CA VAL C 105 13.97 -27.50 -25.51
C VAL C 105 14.52 -28.08 -24.21
N LEU C 106 15.57 -28.87 -24.29
CA LEU C 106 16.15 -29.45 -23.10
C LEU C 106 16.83 -28.41 -22.24
N ARG C 107 17.52 -27.46 -22.86
CA ARG C 107 18.04 -26.34 -22.12
C ARG C 107 16.91 -25.58 -21.44
N ALA C 108 15.79 -25.36 -22.15
CA ALA C 108 14.69 -24.67 -21.49
C ALA C 108 14.23 -25.48 -20.29
N ARG C 109 14.24 -26.80 -20.40
CA ARG C 109 13.75 -27.64 -19.33
C ARG C 109 14.64 -27.51 -18.10
N ALA C 110 15.94 -27.53 -18.32
CA ALA C 110 16.89 -27.25 -17.25
C ALA C 110 16.56 -25.94 -16.54
N ARG C 111 16.46 -24.87 -17.32
CA ARG C 111 16.16 -23.54 -16.78
C ARG C 111 14.84 -23.48 -16.02
N LEU C 112 13.80 -24.13 -16.52
CA LEU C 112 12.53 -24.10 -15.78
C LEU C 112 12.65 -24.80 -14.44
N PHE C 113 13.46 -25.86 -14.35
CA PHE C 113 13.69 -26.56 -13.08
C PHE C 113 14.43 -25.67 -12.10
N THR C 114 15.41 -24.92 -12.59
CA THR C 114 16.11 -23.94 -11.77
C THR C 114 15.18 -22.81 -11.38
N THR C 115 14.30 -22.41 -12.29
CA THR C 115 13.34 -21.35 -12.00
C THR C 115 12.53 -21.70 -10.75
N ALA C 116 12.06 -22.95 -10.68
CA ALA C 116 11.25 -23.34 -9.53
C ALA C 116 12.08 -23.56 -8.26
N VAL C 117 13.37 -23.83 -8.40
CA VAL C 117 14.24 -23.88 -7.22
C VAL C 117 14.23 -22.52 -6.56
N GLU C 118 14.38 -21.48 -7.38
CA GLU C 118 14.52 -20.10 -6.92
C GLU C 118 13.17 -19.52 -6.48
N THR C 119 12.07 -19.87 -7.14
CA THR C 119 10.78 -19.24 -6.85
C THR C 119 9.93 -20.01 -5.85
N GLU C 120 10.20 -21.30 -5.67
CA GLU C 120 9.44 -22.15 -4.78
C GLU C 120 10.30 -22.67 -3.64
N LEU C 121 11.37 -23.40 -3.94
CA LEU C 121 12.12 -24.09 -2.89
C LEU C 121 12.75 -23.10 -1.91
N LEU C 122 13.60 -22.23 -2.40
CA LEU C 122 14.26 -21.26 -1.54
C LEU C 122 13.28 -20.41 -0.72
N PRO C 123 12.24 -19.81 -1.27
CA PRO C 123 11.32 -19.08 -0.37
C PRO C 123 10.74 -19.98 0.72
N ALA C 124 10.49 -21.25 0.40
CA ALA C 124 9.90 -22.16 1.38
C ALA C 124 10.94 -22.53 2.44
N GLN C 125 12.16 -22.85 2.02
CA GLN C 125 13.23 -23.10 2.98
C GLN C 125 13.43 -21.91 3.91
N LYS C 126 13.29 -20.69 3.38
CA LYS C 126 13.45 -19.50 4.22
C LYS C 126 12.27 -19.32 5.20
N ALA C 127 11.03 -19.49 4.74
CA ALA C 127 9.89 -19.50 5.64
C ALA C 127 10.08 -20.52 6.75
N PHE C 128 10.74 -21.63 6.42
CA PHE C 128 10.80 -22.78 7.33
C PHE C 128 11.94 -22.65 8.33
N PHE C 129 13.15 -22.35 7.87
CA PHE C 129 14.34 -22.34 8.69
C PHE C 129 14.62 -20.98 9.31
N LEU C 130 14.06 -19.90 8.77
CA LEU C 130 14.27 -18.57 9.35
C LEU C 130 13.07 -18.01 10.08
N MET C 131 11.85 -18.38 9.70
CA MET C 131 10.67 -17.75 10.31
C MET C 131 9.77 -18.77 11.00
N GLY C 132 10.26 -19.96 11.33
CA GLY C 132 9.48 -20.88 12.15
C GLY C 132 8.14 -21.31 11.60
N GLY C 133 8.03 -21.50 10.29
CA GLY C 133 6.80 -21.95 9.70
C GLY C 133 6.59 -23.44 9.82
N PRO C 134 5.41 -23.90 9.37
CA PRO C 134 5.01 -25.28 9.58
C PRO C 134 5.78 -26.26 8.72
N PRO C 135 6.00 -27.49 9.18
CA PRO C 135 6.79 -28.42 8.39
C PRO C 135 6.07 -28.89 7.15
N ASP C 136 4.75 -28.82 7.11
CA ASP C 136 4.03 -29.33 5.95
C ASP C 136 4.12 -28.39 4.74
N ALA C 137 4.34 -27.08 4.93
CA ALA C 137 4.63 -26.20 3.81
C ALA C 137 6.00 -26.49 3.21
N MET C 138 7.01 -26.76 4.05
CA MET C 138 8.33 -27.11 3.54
C MET C 138 8.25 -28.39 2.71
N LEU C 139 7.50 -29.38 3.19
CA LEU C 139 7.33 -30.62 2.46
C LEU C 139 6.59 -30.40 1.16
N ALA C 140 5.64 -29.49 1.15
CA ALA C 140 4.92 -29.24 -0.09
C ALA C 140 5.87 -28.81 -1.20
N ALA C 141 6.88 -27.98 -0.87
CA ALA C 141 7.86 -27.60 -1.89
C ALA C 141 8.74 -28.78 -2.28
N LEU C 142 9.12 -29.63 -1.31
CA LEU C 142 9.88 -30.83 -1.64
C LEU C 142 9.06 -31.82 -2.47
N ASP C 143 7.75 -31.99 -2.22
CA ASP C 143 6.99 -32.89 -3.09
C ASP C 143 6.92 -32.32 -4.51
N ALA C 144 6.80 -30.99 -4.63
CA ALA C 144 6.75 -30.39 -5.95
C ALA C 144 8.12 -30.49 -6.65
N LEU C 145 9.19 -30.18 -5.92
CA LEU C 145 10.52 -30.44 -6.46
C LEU C 145 10.67 -31.89 -6.91
N GLN C 146 10.32 -32.82 -6.05
CA GLN C 146 10.51 -34.23 -6.40
C GLN C 146 9.70 -34.62 -7.62
N ALA C 147 8.53 -34.03 -7.79
CA ALA C 147 7.74 -34.42 -8.94
C ALA C 147 8.28 -33.83 -10.22
N ARG C 148 9.12 -32.81 -10.15
CA ARG C 148 9.69 -32.30 -11.38
C ARG C 148 10.88 -33.12 -11.87
N LEU C 149 11.30 -34.15 -11.11
CA LEU C 149 12.40 -34.99 -11.55
C LEU C 149 11.87 -36.06 -12.49
N PRO C 150 12.68 -36.49 -13.45
CA PRO C 150 12.32 -37.61 -14.30
C PRO C 150 12.03 -38.82 -13.42
N PRO C 151 10.83 -39.39 -13.51
CA PRO C 151 10.45 -40.37 -12.47
C PRO C 151 11.34 -41.58 -12.40
N ALA C 152 11.86 -42.05 -13.53
CA ALA C 152 12.55 -43.35 -13.56
C ALA C 152 13.97 -43.30 -13.00
N GLY C 153 14.52 -42.13 -12.77
CA GLY C 153 15.92 -41.97 -12.39
C GLY C 153 16.52 -40.85 -13.19
N GLY C 154 17.84 -40.65 -13.02
CA GLY C 154 18.55 -39.61 -13.75
C GLY C 154 18.51 -38.26 -13.04
N PHE C 155 18.95 -37.25 -13.76
CA PHE C 155 19.21 -35.93 -13.22
C PHE C 155 18.05 -34.98 -13.55
N ALA C 156 18.21 -33.70 -13.17
CA ALA C 156 17.07 -32.78 -13.12
C ALA C 156 16.47 -32.52 -14.50
N ALA C 157 17.30 -32.33 -15.52
CA ALA C 157 16.77 -32.08 -16.85
C ALA C 157 16.75 -33.31 -17.73
N GLY C 158 17.13 -34.47 -17.21
CA GLY C 158 17.18 -35.68 -17.97
C GLY C 158 18.34 -36.56 -17.52
N PRO C 159 18.75 -37.48 -18.38
CA PRO C 159 19.81 -38.42 -18.01
C PRO C 159 21.17 -37.79 -17.74
N GLN C 160 21.47 -36.58 -18.23
CA GLN C 160 22.80 -35.96 -18.06
C GLN C 160 22.79 -34.93 -16.95
N TRP C 161 23.85 -34.93 -16.19
CA TRP C 161 24.07 -33.84 -15.26
C TRP C 161 24.09 -32.50 -16.00
N SER C 162 23.61 -31.45 -15.30
CA SER C 162 23.55 -30.13 -15.89
C SER C 162 23.61 -29.10 -14.77
N ILE C 163 23.71 -27.83 -15.17
CA ILE C 163 23.75 -26.74 -14.18
C ILE C 163 22.43 -26.60 -13.43
N ALA C 164 21.38 -27.29 -13.85
CA ALA C 164 20.19 -27.31 -13.00
C ALA C 164 20.43 -28.15 -11.74
N ASP C 165 21.20 -29.23 -11.86
CA ASP C 165 21.60 -29.99 -10.67
C ASP C 165 22.55 -29.18 -9.81
N ALA C 166 23.44 -28.41 -10.44
CA ALA C 166 24.32 -27.59 -9.61
C ALA C 166 23.51 -26.59 -8.82
N ALA C 167 22.35 -26.19 -9.34
CA ALA C 167 21.67 -25.13 -8.61
C ALA C 167 20.90 -25.67 -7.39
N VAL C 168 20.35 -26.89 -7.45
CA VAL C 168 19.56 -27.37 -6.33
C VAL C 168 20.35 -28.17 -5.29
N MET C 169 21.39 -28.86 -5.70
CA MET C 169 22.00 -29.86 -4.83
C MET C 169 22.61 -29.22 -3.59
N PRO C 170 23.32 -28.09 -3.68
CA PRO C 170 23.85 -27.48 -2.46
C PRO C 170 22.74 -27.11 -1.50
N ILE C 171 21.55 -26.79 -2.02
CA ILE C 171 20.46 -26.42 -1.13
C ILE C 171 19.94 -27.66 -0.41
N LEU C 172 19.74 -28.76 -1.15
CA LEU C 172 19.26 -29.97 -0.54
C LEU C 172 20.23 -30.49 0.52
N LEU C 173 21.54 -30.49 0.24
CA LEU C 173 22.47 -30.95 1.27
C LEU C 173 22.34 -30.15 2.55
N ARG C 174 22.19 -28.82 2.44
CA ARG C 174 22.20 -27.99 3.63
C ARG C 174 20.86 -28.01 4.33
N LEU C 175 19.78 -28.22 3.60
CA LEU C 175 18.49 -28.45 4.23
C LEU C 175 18.55 -29.71 5.12
N ARG C 176 19.06 -30.81 4.55
CA ARG C 176 19.25 -32.06 5.30
C ARG C 176 20.07 -31.81 6.56
N MET C 177 21.24 -31.19 6.39
CA MET C 177 22.08 -30.91 7.56
C MET C 177 21.31 -30.13 8.60
N SER C 178 20.64 -29.06 8.18
CA SER C 178 20.02 -28.16 9.16
C SER C 178 18.95 -28.87 9.96
N VAL C 179 18.16 -29.76 9.34
CA VAL C 179 17.08 -30.38 10.08
C VAL C 179 17.59 -31.60 10.85
N THR C 180 18.73 -32.19 10.44
CA THR C 180 19.31 -33.30 11.16
C THR C 180 20.04 -32.85 12.42
N LEU C 181 20.69 -31.69 12.35
CA LEU C 181 21.32 -31.10 13.52
C LEU C 181 20.39 -30.16 14.28
N GLU C 182 19.22 -29.86 13.69
CA GLU C 182 18.26 -28.92 14.24
C GLU C 182 18.91 -27.58 14.56
N VAL C 183 19.67 -27.09 13.60
CA VAL C 183 20.25 -25.76 13.67
C VAL C 183 19.44 -24.84 12.76
N GLY C 184 18.76 -23.87 13.36
CA GLY C 184 17.76 -23.07 12.68
C GLY C 184 16.76 -22.48 13.64
N PHE C 185 15.97 -21.55 13.12
CA PHE C 185 14.91 -20.88 13.87
C PHE C 185 13.57 -21.60 13.62
N PHE C 186 13.58 -22.89 13.93
CA PHE C 186 12.46 -23.77 13.64
C PHE C 186 11.37 -23.64 14.70
N ALA C 187 10.13 -23.81 14.26
CA ALA C 187 9.03 -24.02 15.19
C ALA C 187 9.21 -25.34 15.96
N PRO C 188 8.54 -25.47 17.09
CA PRO C 188 8.61 -26.72 17.87
C PRO C 188 8.01 -27.90 17.12
N GLY C 189 8.77 -29.00 17.07
CA GLY C 189 8.42 -30.23 16.37
C GLY C 189 8.59 -30.17 14.87
N ALA C 190 9.04 -29.05 14.32
CA ALA C 190 9.07 -28.88 12.88
C ALA C 190 10.22 -29.64 12.27
N ALA C 191 11.43 -29.45 12.81
CA ALA C 191 12.60 -30.04 12.21
C ALA C 191 12.49 -31.57 12.16
N PRO C 192 12.08 -32.27 13.21
CA PRO C 192 11.96 -33.73 13.09
C PRO C 192 10.94 -34.19 12.06
N VAL C 193 9.91 -33.40 11.75
CA VAL C 193 8.96 -33.84 10.72
C VAL C 193 9.64 -33.86 9.36
N VAL C 194 10.29 -32.76 8.99
CA VAL C 194 11.00 -32.73 7.72
C VAL C 194 12.08 -33.81 7.72
N ARG C 195 12.83 -33.93 8.81
CA ARG C 195 13.88 -34.94 8.83
C ARG C 195 13.29 -36.32 8.61
N ALA C 196 12.19 -36.64 9.32
CA ALA C 196 11.61 -37.96 9.17
C ALA C 196 11.07 -38.14 7.75
N ALA C 197 10.46 -37.10 7.20
CA ALA C 197 9.90 -37.22 5.87
C ALA C 197 10.98 -37.48 4.81
N LEU C 198 12.17 -36.88 4.96
CA LEU C 198 13.18 -37.03 3.92
C LEU C 198 13.69 -38.45 3.80
N GLU C 199 13.72 -39.19 4.92
CA GLU C 199 14.11 -40.60 4.98
C GLU C 199 12.96 -41.59 4.71
N SER C 200 11.71 -41.14 4.67
CA SER C 200 10.55 -41.98 4.46
C SER C 200 10.38 -42.35 2.98
N PRO C 201 9.53 -43.32 2.70
CA PRO C 201 9.32 -43.73 1.30
C PRO C 201 8.69 -42.68 0.43
N ARG C 202 7.90 -41.78 0.99
CA ARG C 202 7.39 -40.62 0.28
C ARG C 202 8.47 -40.02 -0.62
N PHE C 203 9.69 -39.86 -0.12
CA PHE C 203 10.72 -39.12 -0.80
C PHE C 203 11.85 -40.02 -1.30
N ALA C 204 11.55 -41.28 -1.59
CA ALA C 204 12.59 -42.18 -2.11
C ALA C 204 13.22 -41.61 -3.38
N ARG C 205 12.42 -41.05 -4.28
CA ARG C 205 12.97 -40.53 -5.53
C ARG C 205 13.99 -39.44 -5.26
N LEU C 206 13.66 -38.54 -4.34
CA LEU C 206 14.53 -37.44 -3.98
C LEU C 206 15.80 -37.95 -3.27
N GLN C 207 15.66 -38.85 -2.30
CA GLN C 207 16.82 -39.55 -1.72
C GLN C 207 17.77 -40.10 -2.78
N ARG C 208 17.22 -40.80 -3.77
CA ARG C 208 18.01 -41.41 -4.82
C ARG C 208 18.67 -40.35 -5.71
N TYR C 209 17.94 -39.28 -6.01
CA TYR C 209 18.51 -38.12 -6.69
C TYR C 209 19.70 -37.56 -5.93
N ILE C 210 19.54 -37.27 -4.65
CA ILE C 210 20.65 -36.72 -3.88
C ILE C 210 21.86 -37.66 -3.93
N ALA C 211 21.60 -38.96 -3.92
CA ALA C 211 22.67 -39.94 -3.87
C ALA C 211 23.37 -40.08 -5.23
N ASP C 212 22.63 -39.93 -6.33
CA ASP C 212 23.23 -39.96 -7.66
C ASP C 212 24.19 -38.79 -7.87
N ASN C 213 23.82 -37.61 -7.34
CA ASN C 213 24.69 -36.44 -7.41
C ASN C 213 25.88 -36.55 -6.47
N VAL C 214 25.64 -37.09 -5.26
CA VAL C 214 26.71 -37.24 -4.28
C VAL C 214 27.75 -38.25 -4.74
N ALA C 215 27.34 -39.22 -5.54
CA ALA C 215 28.26 -40.24 -6.03
C ALA C 215 29.20 -39.69 -7.13
N ARG C 216 28.85 -38.55 -7.76
CA ARG C 216 29.72 -38.00 -8.78
C ARG C 216 30.99 -37.42 -8.15
N PRO C 217 32.11 -37.46 -8.87
CA PRO C 217 33.35 -36.99 -8.27
C PRO C 217 33.28 -35.54 -7.88
N SER C 218 32.46 -34.74 -8.59
CA SER C 218 32.36 -33.32 -8.30
C SER C 218 31.90 -33.03 -6.88
N MET C 219 31.19 -33.96 -6.23
CA MET C 219 30.73 -33.63 -4.89
C MET C 219 31.82 -33.82 -3.84
N ALA C 220 32.63 -34.87 -3.95
CA ALA C 220 33.78 -34.99 -3.06
C ALA C 220 34.71 -33.80 -3.20
N ALA C 221 34.83 -33.26 -4.42
CA ALA C 221 35.73 -32.13 -4.62
C ALA C 221 35.16 -30.80 -4.11
N THR C 222 33.90 -30.74 -3.72
CA THR C 222 33.31 -29.42 -3.43
C THR C 222 32.56 -29.38 -2.11
N TRP C 223 32.31 -30.53 -1.51
CA TRP C 223 31.49 -30.62 -0.31
C TRP C 223 32.36 -31.14 0.82
N ASP C 224 32.79 -30.26 1.70
CA ASP C 224 33.56 -30.67 2.88
C ASP C 224 32.66 -30.40 4.09
N GLU C 225 31.96 -31.46 4.53
CA GLU C 225 30.84 -31.26 5.46
C GLU C 225 31.30 -30.66 6.78
N ALA C 226 32.43 -31.14 7.31
CA ALA C 226 32.96 -30.54 8.53
C ALA C 226 33.14 -29.03 8.39
N ALA C 227 33.75 -28.57 7.26
CA ALA C 227 33.92 -27.13 7.04
C ALA C 227 32.56 -26.42 6.95
N VAL C 228 31.63 -27.03 6.21
CA VAL C 228 30.34 -26.38 5.98
C VAL C 228 29.59 -26.26 7.31
N LYS C 229 29.61 -27.32 8.09
CA LYS C 229 28.86 -27.36 9.34
C LYS C 229 29.40 -26.36 10.34
N ALA C 230 30.72 -26.30 10.52
CA ALA C 230 31.31 -25.30 11.41
C ALA C 230 30.94 -23.86 11.02
N GLU C 231 31.00 -23.50 9.72
CA GLU C 231 30.67 -22.10 9.33
C GLU C 231 29.18 -21.86 9.37
N PHE C 232 28.41 -22.87 9.02
CA PHE C 232 26.96 -22.76 9.10
C PHE C 232 26.53 -22.54 10.56
N VAL C 233 27.05 -23.35 11.50
CA VAL C 233 26.70 -23.17 12.91
C VAL C 233 27.21 -21.84 13.40
N GLY C 234 28.43 -21.48 13.01
CA GLY C 234 28.97 -20.20 13.42
C GLY C 234 28.12 -19.02 12.96
N ARG C 235 27.66 -19.05 11.70
CA ARG C 235 26.82 -17.99 11.17
C ARG C 235 25.47 -17.97 11.87
N PHE C 236 24.86 -19.13 12.04
CA PHE C 236 23.56 -19.16 12.70
C PHE C 236 23.62 -18.56 14.11
N GLU C 237 24.65 -18.89 14.88
CA GLU C 237 24.69 -18.39 16.24
C GLU C 237 24.98 -16.92 16.28
N LYS C 238 25.82 -16.42 15.37
CA LYS C 238 25.97 -14.97 15.24
C LYS C 238 24.63 -14.32 14.90
N LEU C 239 23.97 -14.82 13.85
CA LEU C 239 22.70 -14.23 13.48
C LEU C 239 21.71 -14.26 14.64
N ARG C 240 21.57 -15.42 15.29
CA ARG C 240 20.72 -15.48 16.47
C ARG C 240 21.10 -14.42 17.50
N SER C 241 22.37 -14.10 17.64
CA SER C 241 22.70 -13.20 18.72
C SER C 241 22.25 -11.78 18.38
N LEU C 242 21.99 -11.47 17.11
CA LEU C 242 21.55 -10.15 16.73
C LEU C 242 20.04 -10.09 16.55
N LYS C 243 19.36 -11.15 16.97
CA LYS C 243 17.92 -11.37 16.84
C LYS C 243 17.54 -11.89 15.47
N GLN D 4 13.39 -24.34 -38.39
CA GLN D 4 12.41 -23.80 -37.43
C GLN D 4 11.13 -24.63 -37.42
N LYS D 5 10.75 -25.23 -36.28
CA LYS D 5 9.44 -25.86 -36.12
C LYS D 5 8.35 -24.81 -35.84
N ARG D 6 7.12 -25.26 -35.63
CA ARG D 6 5.99 -24.36 -35.40
C ARG D 6 6.07 -23.68 -34.04
N ILE D 7 5.79 -22.38 -34.02
CA ILE D 7 5.64 -21.63 -32.77
C ILE D 7 4.24 -21.06 -32.70
N THR D 8 3.57 -21.30 -31.59
CA THR D 8 2.32 -20.65 -31.27
C THR D 8 2.49 -19.97 -29.91
N LEU D 9 2.19 -18.67 -29.83
CA LEU D 9 2.34 -17.90 -28.60
C LEU D 9 0.99 -17.47 -28.05
N TYR D 10 0.55 -18.11 -26.98
CA TYR D 10 -0.53 -17.56 -26.17
C TYR D 10 -0.05 -16.31 -25.44
N MET D 11 -0.89 -15.26 -25.46
CA MET D 11 -0.46 -13.93 -25.07
C MET D 11 -1.66 -13.11 -24.64
N ALA D 12 -1.36 -11.91 -24.12
CA ALA D 12 -2.31 -10.83 -23.90
C ALA D 12 -1.53 -9.52 -23.97
N SER D 13 -2.25 -8.40 -23.86
CA SER D 13 -1.65 -7.13 -24.20
C SER D 13 -1.26 -6.30 -22.99
N ALA D 14 -1.97 -6.40 -21.86
CA ALA D 14 -1.71 -5.49 -20.74
C ALA D 14 -0.37 -5.77 -20.06
N SER D 15 -0.11 -7.03 -19.72
CA SER D 15 1.13 -7.41 -19.03
C SER D 15 2.34 -7.17 -19.94
N PRO D 16 3.49 -6.80 -19.36
CA PRO D 16 4.72 -6.69 -20.16
C PRO D 16 5.28 -8.03 -20.61
N PHE D 17 4.89 -9.11 -19.97
CA PHE D 17 5.64 -10.34 -20.18
C PHE D 17 5.43 -10.92 -21.58
N PRO D 18 4.22 -10.94 -22.15
CA PRO D 18 4.11 -11.48 -23.51
C PRO D 18 4.81 -10.61 -24.51
N HIS D 19 4.81 -9.31 -24.27
CA HIS D 19 5.46 -8.38 -25.17
C HIS D 19 6.94 -8.67 -25.27
N ARG D 20 7.55 -9.10 -24.16
CA ARG D 20 8.95 -9.50 -24.23
C ARG D 20 9.15 -10.54 -25.30
N VAL D 21 8.30 -11.56 -25.31
CA VAL D 21 8.52 -12.66 -26.23
C VAL D 21 8.26 -12.22 -27.65
N ARG D 22 7.22 -11.42 -27.84
CA ARG D 22 6.92 -10.90 -29.17
C ARG D 22 8.11 -10.14 -29.74
N LEU D 23 8.80 -9.37 -28.90
CA LEU D 23 9.94 -8.60 -29.36
C LEU D 23 11.06 -9.50 -29.87
N ALA D 24 11.42 -10.53 -29.10
CA ALA D 24 12.45 -11.47 -29.56
C ALA D 24 12.01 -12.23 -30.80
N LEU D 25 10.74 -12.61 -30.90
CA LEU D 25 10.30 -13.30 -32.10
C LEU D 25 10.53 -12.42 -33.34
N GLU D 26 10.16 -11.13 -33.25
CA GLU D 26 10.37 -10.19 -34.35
C GLU D 26 11.84 -9.94 -34.64
N GLU D 27 12.66 -9.83 -33.61
CA GLU D 27 14.08 -9.60 -33.87
C GLU D 27 14.74 -10.79 -34.55
N ALA D 28 14.20 -11.99 -34.37
CA ALA D 28 14.72 -13.21 -34.99
C ALA D 28 14.07 -13.57 -36.33
N HIS D 29 13.09 -12.78 -36.78
CA HIS D 29 12.27 -13.04 -37.98
C HIS D 29 11.69 -14.44 -37.94
N ALA D 30 11.16 -14.79 -36.77
CA ALA D 30 10.54 -16.10 -36.57
C ALA D 30 9.16 -16.12 -37.17
N THR D 31 8.70 -17.33 -37.47
CA THR D 31 7.35 -17.58 -37.97
C THR D 31 6.52 -18.15 -36.83
N TYR D 32 5.38 -17.53 -36.55
CA TYR D 32 4.63 -17.92 -35.36
C TYR D 32 3.19 -17.42 -35.44
N GLU D 33 2.36 -17.93 -34.55
CA GLU D 33 0.98 -17.51 -34.45
C GLU D 33 0.72 -17.06 -33.03
N MET D 34 -0.21 -16.11 -32.88
CA MET D 34 -0.60 -15.61 -31.57
C MET D 34 -2.04 -15.98 -31.28
N ILE D 35 -2.26 -16.48 -30.07
CA ILE D 35 -3.61 -16.74 -29.53
C ILE D 35 -3.81 -15.85 -28.30
N HIS D 36 -4.68 -14.84 -28.42
CA HIS D 36 -5.03 -13.95 -27.29
C HIS D 36 -5.82 -14.75 -26.26
N ILE D 37 -5.38 -14.72 -25.02
CA ILE D 37 -6.09 -15.30 -23.89
C ILE D 37 -6.64 -14.17 -23.05
N SER D 38 -7.96 -14.21 -22.78
CA SER D 38 -8.62 -13.32 -21.81
C SER D 38 -9.00 -14.11 -20.57
N LEU D 39 -9.56 -13.41 -19.58
CA LEU D 39 -9.92 -14.09 -18.33
C LEU D 39 -11.04 -15.11 -18.53
N VAL D 40 -11.91 -14.90 -19.53
CA VAL D 40 -12.91 -15.93 -19.84
C VAL D 40 -12.27 -17.12 -20.55
N ASP D 41 -11.24 -16.92 -21.35
CA ASP D 41 -10.54 -18.06 -21.92
C ASP D 41 -9.86 -18.86 -20.82
N LYS D 42 -9.18 -18.18 -19.89
CA LYS D 42 -8.54 -18.88 -18.78
C LYS D 42 -9.51 -19.84 -18.12
N GLN D 43 -10.70 -19.33 -17.76
CA GLN D 43 -11.64 -20.08 -16.93
C GLN D 43 -12.23 -21.26 -17.68
N ASP D 44 -12.49 -21.14 -18.98
CA ASP D 44 -13.24 -22.21 -19.64
C ASP D 44 -12.36 -23.30 -20.22
N TRP D 45 -11.23 -22.95 -20.85
CA TRP D 45 -10.53 -23.95 -21.64
C TRP D 45 -9.02 -23.79 -21.64
N TYR D 46 -8.49 -22.59 -21.43
CA TYR D 46 -7.04 -22.45 -21.40
C TYR D 46 -6.45 -23.23 -20.23
N GLN D 47 -6.96 -23.01 -19.03
CA GLN D 47 -6.59 -23.83 -17.88
C GLN D 47 -6.80 -25.31 -18.17
N LYS D 48 -7.98 -25.69 -18.67
CA LYS D 48 -8.33 -27.10 -18.79
C LYS D 48 -7.55 -27.78 -19.91
N LYS D 49 -7.43 -27.13 -21.06
CA LYS D 49 -6.92 -27.82 -22.25
C LYS D 49 -5.45 -27.56 -22.55
N VAL D 50 -4.87 -26.46 -22.05
CA VAL D 50 -3.61 -25.94 -22.54
C VAL D 50 -2.55 -25.88 -21.45
N TYR D 51 -2.88 -25.29 -20.31
CA TYR D 51 -1.90 -24.96 -19.28
C TYR D 51 -2.58 -25.19 -17.94
N PRO D 52 -2.68 -26.46 -17.50
CA PRO D 52 -3.42 -26.75 -16.25
C PRO D 52 -2.79 -26.13 -15.01
N ASP D 53 -1.46 -26.06 -14.95
CA ASP D 53 -0.78 -25.72 -13.69
C ASP D 53 -1.04 -24.28 -13.27
N ARG D 54 -0.74 -23.30 -14.13
CA ARG D 54 -0.89 -21.88 -13.78
C ARG D 54 -1.78 -21.10 -14.72
N ALA D 55 -2.04 -21.59 -15.93
CA ALA D 55 -2.89 -20.90 -16.89
C ALA D 55 -2.49 -19.43 -17.04
N GLN D 56 -1.18 -19.21 -17.20
CA GLN D 56 -0.65 -17.87 -17.40
C GLN D 56 -0.17 -17.71 -18.84
N VAL D 57 0.16 -16.47 -19.16
CA VAL D 57 0.72 -16.09 -20.44
C VAL D 57 1.97 -15.21 -20.11
N PRO D 58 3.01 -15.24 -20.98
CA PRO D 58 3.14 -16.03 -22.20
C PRO D 58 3.31 -17.51 -21.98
N TYR D 59 2.90 -18.24 -22.99
CA TYR D 59 3.08 -19.68 -23.07
C TYR D 59 3.40 -19.96 -24.51
N LEU D 60 4.53 -20.62 -24.76
CA LEU D 60 4.99 -20.86 -26.12
C LEU D 60 4.92 -22.35 -26.39
N ILE D 61 4.27 -22.70 -27.49
CA ILE D 61 4.16 -24.08 -27.94
C ILE D 61 5.13 -24.25 -29.08
N TYR D 62 6.06 -25.20 -28.95
CA TYR D 62 7.05 -25.48 -30.00
C TYR D 62 6.79 -26.85 -30.60
N GLY D 63 6.63 -26.90 -31.93
CA GLY D 63 6.30 -28.12 -32.63
C GLY D 63 4.80 -28.32 -32.77
N GLY D 64 4.44 -29.50 -33.30
CA GLY D 64 3.06 -29.90 -33.44
C GLY D 64 2.37 -29.18 -34.57
N PRO D 65 1.10 -29.45 -34.76
CA PRO D 65 0.37 -28.92 -35.91
C PRO D 65 -0.24 -27.55 -35.62
N GLU D 66 -0.79 -26.95 -36.68
CA GLU D 66 -1.52 -25.69 -36.52
C GLU D 66 -2.48 -25.77 -35.34
N LEU D 67 -2.46 -24.76 -34.51
CA LEU D 67 -3.14 -24.79 -33.22
C LEU D 67 -4.15 -23.66 -33.18
N HIS D 68 -5.33 -23.96 -32.70
CA HIS D 68 -6.39 -22.97 -32.63
C HIS D 68 -6.86 -22.83 -31.19
N PRO D 69 -7.64 -21.80 -30.88
CA PRO D 69 -8.23 -21.69 -29.54
C PRO D 69 -9.12 -22.87 -29.23
N ASP D 70 -9.25 -23.16 -27.95
CA ASP D 70 -10.12 -24.24 -27.48
C ASP D 70 -9.61 -25.58 -27.96
N GLU D 71 -8.33 -25.68 -28.27
CA GLU D 71 -7.67 -26.95 -28.57
C GLU D 71 -6.52 -27.14 -27.59
N ALA D 72 -6.36 -28.39 -27.14
CA ALA D 72 -5.15 -28.81 -26.43
C ALA D 72 -4.00 -29.02 -27.42
N PRO D 73 -2.79 -28.54 -27.10
CA PRO D 73 -1.67 -28.74 -28.04
C PRO D 73 -1.31 -30.21 -28.16
N SER D 74 -0.71 -30.55 -29.28
CA SER D 74 -0.25 -31.91 -29.53
C SER D 74 0.54 -32.40 -28.31
N PRO D 75 0.45 -33.69 -27.96
CA PRO D 75 1.24 -34.20 -26.84
C PRO D 75 2.72 -34.26 -27.16
N ASP D 76 3.09 -34.11 -28.45
CA ASP D 76 4.46 -34.14 -28.92
C ASP D 76 5.08 -32.75 -29.02
N ALA D 77 4.42 -31.72 -28.52
CA ALA D 77 4.91 -30.36 -28.63
C ALA D 77 5.49 -29.88 -27.31
N ALA D 78 6.55 -29.11 -27.38
CA ALA D 78 7.14 -28.52 -26.18
C ALA D 78 6.27 -27.33 -25.73
N LYS D 79 5.93 -27.31 -24.45
CA LYS D 79 5.21 -26.20 -23.85
C LYS D 79 6.14 -25.49 -22.85
N ILE D 80 6.47 -24.25 -23.16
CA ILE D 80 7.46 -23.46 -22.41
C ILE D 80 6.80 -22.22 -21.83
N PRO D 81 6.59 -22.16 -20.52
CA PRO D 81 6.20 -20.90 -19.87
C PRO D 81 7.45 -20.08 -19.56
N GLU D 82 7.20 -18.94 -18.92
CA GLU D 82 8.21 -18.10 -18.28
C GLU D 82 8.92 -17.24 -19.30
N SER D 83 8.54 -15.97 -19.35
CA SER D 83 9.00 -15.09 -20.42
C SER D 83 10.52 -15.08 -20.52
N LEU D 84 11.21 -15.04 -19.40
CA LEU D 84 12.68 -15.01 -19.48
C LEU D 84 13.29 -16.32 -20.00
N VAL D 85 12.73 -17.46 -19.59
CA VAL D 85 13.16 -18.73 -20.17
C VAL D 85 12.87 -18.77 -21.66
N ILE D 86 11.67 -18.32 -22.04
CA ILE D 86 11.32 -18.31 -23.45
C ILE D 86 12.32 -17.44 -24.21
N LEU D 87 12.77 -16.33 -23.61
CA LEU D 87 13.75 -15.47 -24.27
C LEU D 87 15.05 -16.24 -24.54
N GLU D 88 15.54 -17.01 -23.56
CA GLU D 88 16.74 -17.79 -23.78
C GLU D 88 16.46 -18.95 -24.74
N PHE D 89 15.24 -19.47 -24.74
CA PHE D 89 14.88 -20.46 -25.74
C PHE D 89 15.02 -19.91 -27.16
N LEU D 90 14.53 -18.68 -27.40
CA LEU D 90 14.62 -18.11 -28.74
C LEU D 90 16.05 -17.74 -29.12
N ALA D 91 16.88 -17.32 -28.15
CA ALA D 91 18.28 -17.09 -28.51
C ALA D 91 18.98 -18.39 -28.90
N ASP D 92 18.60 -19.51 -28.28
CA ASP D 92 19.19 -20.78 -28.65
C ASP D 92 18.68 -21.27 -30.00
N LEU D 93 17.44 -20.94 -30.34
CA LEU D 93 16.80 -21.50 -31.54
C LEU D 93 17.21 -20.74 -32.79
N PHE D 94 17.42 -19.43 -32.67
CA PHE D 94 17.77 -18.60 -33.82
C PHE D 94 19.17 -18.03 -33.59
N PRO D 95 20.19 -18.89 -33.58
CA PRO D 95 21.55 -18.41 -33.28
C PRO D 95 22.02 -17.44 -34.30
N ALA D 96 21.60 -17.59 -35.55
CA ALA D 96 22.03 -16.62 -36.55
C ALA D 96 21.50 -15.23 -36.24
N ALA D 97 20.35 -15.12 -35.55
CA ALA D 97 19.78 -13.84 -35.15
C ALA D 97 20.58 -13.12 -34.07
N HIS D 98 21.38 -13.83 -33.27
CA HIS D 98 22.20 -13.21 -32.22
C HIS D 98 21.38 -12.38 -31.22
N LEU D 99 20.35 -13.02 -30.64
CA LEU D 99 19.56 -12.34 -29.62
C LEU D 99 20.37 -12.16 -28.34
N LEU D 100 21.52 -12.82 -28.26
CA LEU D 100 22.52 -12.59 -27.24
C LEU D 100 23.87 -12.40 -27.90
N PRO D 101 24.77 -11.63 -27.31
CA PRO D 101 26.12 -11.55 -27.88
C PRO D 101 26.80 -12.92 -27.86
N SER D 102 27.89 -13.00 -28.58
CA SER D 102 28.64 -14.25 -28.65
C SER D 102 29.71 -14.34 -27.57
N ASP D 103 30.32 -13.23 -27.20
CA ASP D 103 31.34 -13.31 -26.19
C ASP D 103 30.73 -13.69 -24.83
N PRO D 104 31.33 -14.64 -24.09
CA PRO D 104 30.69 -15.11 -22.86
C PRO D 104 30.59 -14.06 -21.77
N VAL D 105 31.56 -13.13 -21.65
CA VAL D 105 31.35 -12.03 -20.69
C VAL D 105 30.16 -11.16 -21.09
N LEU D 106 29.99 -10.84 -22.38
CA LEU D 106 28.88 -9.94 -22.72
C LEU D 106 27.54 -10.65 -22.51
N ARG D 107 27.51 -11.97 -22.67
CA ARG D 107 26.32 -12.73 -22.32
C ARG D 107 26.03 -12.64 -20.83
N ALA D 108 27.07 -12.75 -20.02
CA ALA D 108 26.85 -12.56 -18.59
C ALA D 108 26.31 -11.17 -18.32
N ARG D 109 26.83 -10.16 -19.04
CA ARG D 109 26.42 -8.79 -18.80
C ARG D 109 24.94 -8.58 -19.14
N ALA D 110 24.47 -9.16 -20.26
CA ALA D 110 23.06 -9.09 -20.60
C ALA D 110 22.21 -9.75 -19.51
N ARG D 111 22.65 -10.91 -19.06
CA ARG D 111 21.96 -11.65 -17.99
C ARG D 111 21.97 -10.85 -16.67
N LEU D 112 23.12 -10.28 -16.28
CA LEU D 112 23.15 -9.45 -15.08
C LEU D 112 22.17 -8.29 -15.18
N PHE D 113 22.02 -7.73 -16.38
CA PHE D 113 21.11 -6.59 -16.52
C PHE D 113 19.67 -7.05 -16.38
N THR D 114 19.33 -8.18 -16.97
CA THR D 114 17.98 -8.70 -16.81
C THR D 114 17.71 -9.04 -15.34
N THR D 115 18.70 -9.61 -14.64
CA THR D 115 18.55 -9.89 -13.23
C THR D 115 18.12 -8.66 -12.45
N ALA D 116 18.74 -7.51 -12.70
CA ALA D 116 18.40 -6.35 -11.89
C ALA D 116 17.04 -5.79 -12.29
N VAL D 117 16.61 -6.03 -13.52
CA VAL D 117 15.24 -5.72 -13.89
C VAL D 117 14.30 -6.47 -12.96
N GLU D 118 14.55 -7.77 -12.81
CA GLU D 118 13.66 -8.65 -12.09
C GLU D 118 13.72 -8.42 -10.58
N THR D 119 14.89 -8.07 -10.04
CA THR D 119 15.06 -8.02 -8.59
C THR D 119 14.99 -6.61 -8.05
N GLU D 120 15.07 -5.62 -8.92
CA GLU D 120 15.04 -4.24 -8.43
C GLU D 120 13.94 -3.41 -9.10
N LEU D 121 13.91 -3.37 -10.44
CA LEU D 121 12.96 -2.50 -11.11
C LEU D 121 11.54 -2.98 -10.90
N LEU D 122 11.27 -4.28 -11.08
CA LEU D 122 9.90 -4.75 -10.97
C LEU D 122 9.35 -4.56 -9.55
N PRO D 123 10.06 -4.95 -8.48
CA PRO D 123 9.51 -4.67 -7.13
C PRO D 123 9.35 -3.18 -6.84
N ALA D 124 10.14 -2.29 -7.46
CA ALA D 124 9.90 -0.86 -7.29
C ALA D 124 8.63 -0.42 -8.01
N GLN D 125 8.38 -1.00 -9.18
CA GLN D 125 7.15 -0.71 -9.89
C GLN D 125 5.94 -1.13 -9.05
N LYS D 126 5.94 -2.38 -8.57
CA LYS D 126 4.84 -2.92 -7.80
C LYS D 126 4.55 -2.06 -6.56
N ALA D 127 5.60 -1.70 -5.81
CA ALA D 127 5.43 -0.83 -4.65
C ALA D 127 4.82 0.51 -5.05
N PHE D 128 5.30 1.04 -6.16
CA PHE D 128 4.85 2.33 -6.66
C PHE D 128 3.44 2.26 -7.23
N PHE D 129 3.21 1.35 -8.15
CA PHE D 129 1.95 1.30 -8.88
C PHE D 129 0.89 0.54 -8.11
N LEU D 130 1.24 -0.54 -7.43
CA LEU D 130 0.21 -1.34 -6.80
C LEU D 130 -0.05 -0.99 -5.35
N MET D 131 0.86 -0.32 -4.65
CA MET D 131 0.75 -0.17 -3.21
C MET D 131 1.04 1.25 -2.76
N GLY D 132 1.03 2.22 -3.68
CA GLY D 132 1.04 3.63 -3.33
C GLY D 132 2.32 4.15 -2.71
N GLY D 133 3.46 3.57 -3.09
CA GLY D 133 4.73 3.99 -2.57
C GLY D 133 5.18 5.35 -3.06
N PRO D 134 6.16 5.94 -2.38
CA PRO D 134 6.55 7.29 -2.69
C PRO D 134 7.27 7.38 -4.03
N PRO D 135 7.07 8.45 -4.78
CA PRO D 135 7.74 8.57 -6.07
C PRO D 135 9.25 8.56 -5.98
N ASP D 136 9.83 9.13 -4.92
CA ASP D 136 11.27 9.11 -4.64
C ASP D 136 11.90 7.75 -4.86
N ALA D 137 11.25 6.69 -4.35
CA ALA D 137 11.79 5.34 -4.41
C ALA D 137 11.74 4.79 -5.81
N MET D 138 10.67 5.13 -6.55
CA MET D 138 10.53 4.69 -7.93
C MET D 138 11.62 5.29 -8.81
N LEU D 139 11.89 6.59 -8.63
CA LEU D 139 12.90 7.28 -9.41
C LEU D 139 14.31 6.85 -9.03
N ALA D 140 14.52 6.46 -7.77
CA ALA D 140 15.78 5.84 -7.37
C ALA D 140 16.01 4.56 -8.16
N ALA D 141 14.98 3.69 -8.25
CA ALA D 141 15.11 2.50 -9.07
C ALA D 141 15.40 2.86 -10.52
N LEU D 142 14.82 3.95 -11.02
CA LEU D 142 15.02 4.28 -12.43
C LEU D 142 16.38 4.92 -12.67
N ASP D 143 16.91 5.66 -11.70
CA ASP D 143 18.32 6.06 -11.76
C ASP D 143 19.20 4.82 -11.86
N ALA D 144 18.98 3.84 -10.98
CA ALA D 144 19.87 2.69 -10.97
C ALA D 144 19.81 1.95 -12.29
N LEU D 145 18.61 1.78 -12.84
CA LEU D 145 18.49 1.18 -14.17
C LEU D 145 19.29 1.98 -15.20
N GLN D 146 19.10 3.30 -15.19
CA GLN D 146 19.75 4.16 -16.16
C GLN D 146 21.27 4.00 -16.08
N ALA D 147 21.78 3.91 -14.86
CA ALA D 147 23.21 3.76 -14.66
C ALA D 147 23.73 2.39 -15.03
N ARG D 148 22.87 1.36 -15.09
CA ARG D 148 23.32 0.06 -15.57
C ARG D 148 23.43 -0.02 -17.08
N LEU D 149 22.86 0.93 -17.78
CA LEU D 149 23.06 1.07 -19.21
C LEU D 149 24.50 1.52 -19.46
N PRO D 150 25.00 1.25 -20.61
CA PRO D 150 26.33 1.71 -20.94
C PRO D 150 26.32 3.17 -21.15
N PRO D 151 27.16 3.91 -20.33
CA PRO D 151 27.19 5.35 -20.60
C PRO D 151 27.66 5.51 -22.02
N ALA D 152 28.58 4.63 -22.36
CA ALA D 152 29.14 4.44 -23.68
C ALA D 152 28.20 4.89 -24.77
N GLY D 153 26.90 4.75 -24.53
CA GLY D 153 25.87 5.19 -25.45
C GLY D 153 24.89 4.25 -26.17
N GLY D 154 24.96 2.94 -26.01
CA GLY D 154 24.16 2.00 -26.83
C GLY D 154 22.96 1.26 -26.21
N PHE D 155 22.85 -0.09 -26.40
CA PHE D 155 21.78 -0.91 -25.81
C PHE D 155 22.23 -1.54 -24.48
N ALA D 156 21.38 -2.38 -23.88
CA ALA D 156 21.60 -2.84 -22.51
C ALA D 156 22.94 -3.53 -22.32
N ALA D 157 23.28 -4.48 -23.18
CA ALA D 157 24.54 -5.22 -23.05
C ALA D 157 25.64 -4.69 -23.96
N GLY D 158 25.35 -3.66 -24.73
CA GLY D 158 26.30 -3.10 -25.66
C GLY D 158 25.65 -2.55 -26.90
N PRO D 159 26.43 -2.46 -27.97
CA PRO D 159 25.90 -1.82 -29.17
C PRO D 159 24.81 -2.62 -29.80
N GLN D 160 24.89 -3.94 -29.70
CA GLN D 160 23.87 -4.80 -30.28
C GLN D 160 22.69 -4.97 -29.32
N TRP D 161 21.49 -4.97 -29.92
CA TRP D 161 20.27 -5.33 -29.23
C TRP D 161 20.30 -6.80 -28.77
N SER D 162 19.73 -7.08 -27.61
CA SER D 162 19.74 -8.44 -27.07
C SER D 162 18.48 -8.68 -26.28
N ILE D 163 18.29 -9.93 -25.85
CA ILE D 163 17.13 -10.22 -25.03
C ILE D 163 17.14 -9.50 -23.70
N ALA D 164 18.24 -8.82 -23.32
CA ALA D 164 18.16 -7.93 -22.16
C ALA D 164 17.27 -6.71 -22.45
N ASP D 165 17.29 -6.24 -23.69
CA ASP D 165 16.39 -5.13 -24.06
C ASP D 165 14.94 -5.59 -24.18
N ALA D 166 14.73 -6.81 -24.68
CA ALA D 166 13.36 -7.32 -24.75
C ALA D 166 12.75 -7.47 -23.36
N ALA D 167 13.59 -7.76 -22.36
CA ALA D 167 13.10 -7.97 -20.99
C ALA D 167 12.63 -6.67 -20.33
N VAL D 168 13.24 -5.53 -20.67
CA VAL D 168 13.02 -4.31 -19.91
C VAL D 168 12.05 -3.36 -20.60
N MET D 169 12.03 -3.38 -21.91
CA MET D 169 11.31 -2.33 -22.66
C MET D 169 9.81 -2.39 -22.50
N PRO D 170 9.19 -3.57 -22.49
CA PRO D 170 7.75 -3.59 -22.20
C PRO D 170 7.41 -3.01 -20.83
N ILE D 171 8.30 -3.14 -19.86
CA ILE D 171 8.07 -2.57 -18.53
C ILE D 171 8.15 -1.04 -18.58
N LEU D 172 9.18 -0.50 -19.25
CA LEU D 172 9.31 0.95 -19.34
C LEU D 172 8.13 1.58 -20.10
N LEU D 173 7.66 0.93 -21.17
CA LEU D 173 6.54 1.50 -21.90
C LEU D 173 5.28 1.51 -21.03
N ARG D 174 5.03 0.45 -20.30
CA ARG D 174 3.82 0.42 -19.48
C ARG D 174 3.95 1.29 -18.24
N LEU D 175 5.15 1.45 -17.72
CA LEU D 175 5.29 2.36 -16.61
C LEU D 175 4.98 3.76 -17.07
N ARG D 176 5.56 4.17 -18.21
CA ARG D 176 5.29 5.51 -18.75
C ARG D 176 3.80 5.68 -19.03
N MET D 177 3.15 4.64 -19.54
CA MET D 177 1.73 4.76 -19.83
C MET D 177 0.95 5.02 -18.54
N SER D 178 1.17 4.15 -17.53
CA SER D 178 0.41 4.25 -16.30
C SER D 178 0.55 5.62 -15.66
N VAL D 179 1.73 6.21 -15.68
CA VAL D 179 1.88 7.50 -15.03
C VAL D 179 1.43 8.65 -15.92
N THR D 180 1.32 8.43 -17.22
CA THR D 180 0.80 9.45 -18.13
C THR D 180 -0.72 9.54 -17.98
N LEU D 181 -1.39 8.38 -18.06
CA LEU D 181 -2.83 8.26 -17.85
C LEU D 181 -3.23 8.32 -16.39
N GLU D 182 -2.30 8.11 -15.46
CA GLU D 182 -2.56 8.13 -14.01
C GLU D 182 -3.58 7.07 -13.63
N VAL D 183 -3.31 5.86 -14.09
CA VAL D 183 -4.13 4.69 -13.89
C VAL D 183 -3.29 3.76 -13.03
N GLY D 184 -3.70 3.57 -11.80
CA GLY D 184 -2.97 2.75 -10.85
C GLY D 184 -3.41 3.10 -9.45
N PHE D 185 -2.86 2.36 -8.47
CA PHE D 185 -3.07 2.68 -7.06
C PHE D 185 -1.97 3.58 -6.52
N PHE D 186 -1.74 4.68 -7.24
CA PHE D 186 -0.70 5.62 -6.88
C PHE D 186 -1.07 6.40 -5.62
N ALA D 187 -0.04 6.75 -4.87
CA ALA D 187 -0.18 7.79 -3.87
C ALA D 187 -0.59 9.10 -4.54
N PRO D 188 -1.43 9.91 -3.88
CA PRO D 188 -1.79 11.21 -4.45
C PRO D 188 -0.55 12.01 -4.87
N GLY D 189 -0.57 12.50 -6.11
CA GLY D 189 0.53 13.30 -6.64
C GLY D 189 1.67 12.49 -7.20
N ALA D 190 1.70 11.18 -6.98
CA ALA D 190 2.90 10.41 -7.27
C ALA D 190 3.08 10.16 -8.76
N ALA D 191 2.02 9.80 -9.50
CA ALA D 191 2.14 9.64 -10.95
C ALA D 191 2.64 10.89 -11.67
N PRO D 192 2.11 12.10 -11.44
CA PRO D 192 2.69 13.28 -12.12
C PRO D 192 4.14 13.54 -11.78
N VAL D 193 4.58 13.22 -10.56
CA VAL D 193 5.96 13.45 -10.17
C VAL D 193 6.89 12.62 -11.07
N VAL D 194 6.57 11.34 -11.23
CA VAL D 194 7.41 10.45 -12.02
C VAL D 194 7.28 10.76 -13.51
N ARG D 195 6.04 11.01 -13.99
CA ARG D 195 5.87 11.35 -15.40
C ARG D 195 6.78 12.49 -15.80
N ALA D 196 6.85 13.53 -14.97
CA ALA D 196 7.60 14.72 -15.35
C ALA D 196 9.10 14.48 -15.21
N ALA D 197 9.54 13.79 -14.17
CA ALA D 197 10.97 13.49 -14.09
C ALA D 197 11.43 12.61 -15.27
N LEU D 198 10.58 11.72 -15.76
CA LEU D 198 11.03 10.88 -16.86
C LEU D 198 11.29 11.70 -18.12
N GLU D 199 10.62 12.85 -18.24
CA GLU D 199 10.73 13.74 -19.38
C GLU D 199 11.83 14.77 -19.21
N SER D 200 12.49 14.77 -18.07
CA SER D 200 13.43 15.80 -17.69
C SER D 200 14.88 15.37 -17.94
N PRO D 201 15.81 16.30 -17.82
CA PRO D 201 17.22 15.97 -18.00
C PRO D 201 17.75 14.90 -17.07
N ARG D 202 17.07 14.61 -15.97
CA ARG D 202 17.50 13.52 -15.10
C ARG D 202 17.59 12.20 -15.86
N PHE D 203 16.77 12.02 -16.87
CA PHE D 203 16.67 10.74 -17.52
C PHE D 203 16.98 10.84 -19.00
N ALA D 204 17.96 11.68 -19.31
CA ALA D 204 18.41 11.84 -20.70
C ALA D 204 18.93 10.53 -21.27
N ARG D 205 19.77 9.83 -20.52
CA ARG D 205 20.31 8.55 -20.98
C ARG D 205 19.22 7.51 -21.24
N LEU D 206 18.16 7.53 -20.42
CA LEU D 206 17.07 6.56 -20.52
C LEU D 206 16.09 6.89 -21.64
N GLN D 207 15.82 8.19 -21.85
CA GLN D 207 14.97 8.66 -22.94
C GLN D 207 15.52 8.19 -24.27
N ARG D 208 16.81 8.38 -24.46
CA ARG D 208 17.50 7.93 -25.67
C ARG D 208 17.39 6.42 -25.83
N TYR D 209 17.65 5.68 -24.74
CA TYR D 209 17.49 4.22 -24.73
C TYR D 209 16.08 3.84 -25.14
N ILE D 210 15.06 4.42 -24.50
CA ILE D 210 13.71 4.09 -24.89
C ILE D 210 13.50 4.38 -26.37
N ALA D 211 14.05 5.49 -26.84
CA ALA D 211 13.78 5.86 -28.24
C ALA D 211 14.50 4.96 -29.22
N ASP D 212 15.76 4.58 -28.94
CA ASP D 212 16.47 3.62 -29.79
C ASP D 212 15.73 2.30 -29.92
N ASN D 213 15.11 1.82 -28.84
CA ASN D 213 14.36 0.58 -28.94
C ASN D 213 13.07 0.80 -29.74
N VAL D 214 12.39 1.91 -29.48
CA VAL D 214 11.13 2.25 -30.15
C VAL D 214 11.32 2.48 -31.66
N ALA D 215 12.51 2.95 -32.07
CA ALA D 215 12.79 3.09 -33.51
C ALA D 215 13.01 1.77 -34.22
N ARG D 216 13.22 0.68 -33.51
CA ARG D 216 13.46 -0.56 -34.21
C ARG D 216 12.15 -1.05 -34.80
N PRO D 217 12.19 -1.67 -35.97
CA PRO D 217 10.99 -2.30 -36.54
C PRO D 217 10.23 -3.23 -35.59
N SER D 218 10.95 -3.95 -34.71
CA SER D 218 10.32 -4.90 -33.79
C SER D 218 9.31 -4.23 -32.87
N MET D 219 9.47 -2.93 -32.54
CA MET D 219 8.52 -2.29 -31.65
C MET D 219 7.21 -1.97 -32.38
N ALA D 220 7.30 -1.48 -33.63
CA ALA D 220 6.10 -1.15 -34.38
C ALA D 220 5.26 -2.39 -34.63
N ALA D 221 5.89 -3.54 -34.77
CA ALA D 221 5.18 -4.81 -34.94
C ALA D 221 4.59 -5.38 -33.66
N THR D 222 4.92 -4.84 -32.48
CA THR D 222 4.50 -5.47 -31.23
C THR D 222 3.82 -4.52 -30.26
N TRP D 223 3.91 -3.23 -30.50
CA TRP D 223 3.34 -2.21 -29.65
C TRP D 223 2.14 -1.61 -30.37
N ASP D 224 0.95 -2.08 -30.00
CA ASP D 224 -0.32 -1.50 -30.41
C ASP D 224 -0.85 -0.72 -29.21
N GLU D 225 -0.62 0.59 -29.24
CA GLU D 225 -0.90 1.42 -28.07
C GLU D 225 -2.39 1.37 -27.68
N ALA D 226 -3.31 1.45 -28.63
CA ALA D 226 -4.73 1.36 -28.29
C ALA D 226 -5.01 0.09 -27.49
N ALA D 227 -4.54 -1.06 -27.96
CA ALA D 227 -4.94 -2.32 -27.35
C ALA D 227 -4.31 -2.50 -25.97
N VAL D 228 -3.06 -2.07 -25.80
CA VAL D 228 -2.43 -2.14 -24.49
C VAL D 228 -3.14 -1.21 -23.51
N LYS D 229 -3.46 0.01 -23.96
CA LYS D 229 -4.24 0.91 -23.13
C LYS D 229 -5.56 0.26 -22.75
N ALA D 230 -6.31 -0.21 -23.75
CA ALA D 230 -7.66 -0.70 -23.48
C ALA D 230 -7.63 -1.80 -22.44
N GLU D 231 -6.69 -2.73 -22.58
CA GLU D 231 -6.67 -3.87 -21.67
C GLU D 231 -6.07 -3.48 -20.32
N PHE D 232 -5.07 -2.59 -20.32
CA PHE D 232 -4.45 -2.09 -19.09
C PHE D 232 -5.46 -1.35 -18.23
N VAL D 233 -6.13 -0.34 -18.80
CA VAL D 233 -7.22 0.33 -18.09
C VAL D 233 -8.27 -0.69 -17.69
N GLY D 234 -8.63 -1.58 -18.60
CA GLY D 234 -9.67 -2.56 -18.30
C GLY D 234 -9.37 -3.42 -17.08
N ARG D 235 -8.13 -3.93 -16.98
CA ARG D 235 -7.74 -4.79 -15.86
C ARG D 235 -7.65 -4.00 -14.57
N PHE D 236 -7.03 -2.81 -14.62
CA PHE D 236 -7.01 -1.95 -13.45
C PHE D 236 -8.40 -1.80 -12.84
N GLU D 237 -9.41 -1.53 -13.67
CA GLU D 237 -10.77 -1.31 -13.15
C GLU D 237 -11.42 -2.61 -12.67
N LYS D 238 -10.86 -3.75 -12.99
CA LYS D 238 -11.27 -5.00 -12.43
C LYS D 238 -10.67 -5.24 -11.05
N LEU D 239 -9.53 -4.62 -10.75
CA LEU D 239 -8.90 -4.71 -9.45
C LEU D 239 -9.49 -3.70 -8.48
N ARG D 240 -9.88 -2.53 -9.00
CA ARG D 240 -10.41 -1.45 -8.21
C ARG D 240 -11.84 -1.77 -7.79
N SER D 241 -12.53 -2.62 -8.56
CA SER D 241 -13.96 -2.86 -8.32
C SER D 241 -14.18 -3.90 -7.22
N LEU D 242 -13.23 -4.80 -7.02
CA LEU D 242 -13.38 -5.84 -6.01
C LEU D 242 -12.57 -5.49 -4.77
N LYS D 243 -12.81 -4.28 -4.26
CA LYS D 243 -12.06 -3.76 -3.12
C LYS D 243 -12.71 -2.44 -2.68
C1 CWE E . -13.82 12.12 10.87
C2 CWE E . -13.00 11.92 9.72
C3 CWE E . -13.40 12.48 8.48
C4 CWE E . -14.58 13.20 8.39
C5 CWE E . -15.37 13.43 9.52
C6 CWE E . -15.01 12.88 10.77
C7 CWE E . -16.63 14.18 9.38
C8 CWE E . -17.45 14.52 10.47
C9 CWE E . -17.30 13.53 11.57
O1 CWE E . -15.91 13.22 11.92
O2 CWE E . -17.05 14.43 8.32
C10 CWE E . -17.98 14.06 12.82
C11 CWE E . -19.36 14.29 12.88
C12 CWE E . -19.91 14.71 14.10
C13 CWE E . -19.08 14.92 15.21
C14 CWE E . -17.72 14.72 15.12
C15 CWE E . -17.17 14.27 13.92
O3 CWE E . -19.57 15.36 16.45
O4 CWE E . -11.83 11.13 9.73
O5 CWE E . -14.98 13.73 7.17
H11 CWE E . -13.56 11.78 11.70
H31 CWE E . -12.90 12.31 7.72
H82 CWE E . -17.20 15.40 10.80
H81 CWE E . -18.37 14.54 10.18
H9 CWE E . -17.72 12.72 11.27
H111 CWE E . -19.91 14.12 12.15
H121 CWE E . -20.83 14.87 14.17
H141 CWE E . -17.18 14.85 15.86
H151 CWE E . -16.26 14.12 13.88
HO3 CWE E . -19.74 14.70 16.94
H41 CWE E . -11.42 11.26 10.47
H51 CWE E . -15.02 14.59 7.23
C1 CWE F . -14.56 17.43 8.78
C2 CWE F . -13.69 16.97 7.79
C3 CWE F . -12.57 16.18 8.17
C4 CWE F . -12.36 15.88 9.50
C5 CWE F . -13.24 16.33 10.48
C6 CWE F . -14.34 17.09 10.11
C7 CWE F . -13.02 15.99 11.91
C8 CWE F . -14.01 16.29 12.89
C9 CWE F . -14.73 17.53 12.55
O1 CWE F . -15.26 17.57 11.19
O2 CWE F . -12.00 15.45 12.21
C10 CWE F . -15.95 17.74 13.41
C11 CWE F . -15.92 18.18 14.74
C12 CWE F . -17.13 18.39 15.41
C13 CWE F . -18.34 18.15 14.76
C14 CWE F . -18.32 17.72 13.44
C15 CWE F . -17.13 17.54 12.77
O3 CWE F . -19.61 18.32 15.34
O4 CWE F . -13.87 17.27 6.45
O5 CWE F . -11.24 15.10 9.89
H11 CWE F . -15.30 17.93 8.54
H31 CWE F . -11.97 15.89 7.52
H82 CWE F . -14.64 15.56 12.94
H81 CWE F . -13.57 16.40 13.75
H9 CWE F . -14.10 18.28 12.63
H111 CWE F . -15.10 18.34 15.16
H121 CWE F . -17.12 18.67 16.30
H141 CWE F . -19.12 17.57 13.00
H151 CWE F . -17.14 17.25 11.89
HO3 CWE F . -19.55 18.18 16.18
H41 CWE F . -14.70 17.22 6.25
H51 CWE F . -10.56 15.37 9.47
C1 CWE G . 18.31 -19.46 -14.70
C2 CWE G . 18.93 -19.91 -15.84
C3 CWE G . 18.41 -19.52 -17.09
C4 CWE G . 17.28 -18.73 -17.19
C5 CWE G . 16.63 -18.29 -16.04
C6 CWE G . 17.13 -18.66 -14.81
C7 CWE G . 15.41 -17.44 -16.13
C8 CWE G . 14.77 -16.92 -14.96
C9 CWE G . 15.01 -17.81 -13.78
O1 CWE G . 16.41 -18.13 -13.59
O2 CWE G . 14.93 -17.24 -17.19
C10 CWE G . 14.62 -17.16 -12.43
C11 CWE G . 13.32 -16.78 -12.10
C12 CWE G . 13.06 -16.27 -10.82
C13 CWE G . 14.10 -16.12 -9.91
C14 CWE G . 15.36 -16.51 -10.25
C15 CWE G . 15.63 -17.03 -11.50
O3 CWE G . 13.95 -15.63 -8.61
O4 CWE G . 20.05 -20.73 -15.81
O5 CWE G . 16.78 -18.41 -18.47
H11 CWE G . 18.63 -19.70 -13.86
H31 CWE G . 18.81 -19.83 -17.87
H82 CWE G . 15.14 -16.04 -14.77
H81 CWE G . 13.83 -16.86 -15.12
H9 CWE G . 14.54 -18.63 -13.93
H111 CWE G . 12.63 -16.89 -12.70
H121 CWE G . 12.19 -16.00 -10.59
H141 CWE G . 16.05 -16.42 -9.63
H151 CWE G . 16.49 -17.30 -11.73
HO3 CWE G . 14.45 -16.06 -8.08
H41 CWE G . 20.70 -20.33 -16.19
H51 CWE G . 17.03 -17.63 -18.68
C1 CWE H . 17.84 -14.25 -16.78
C2 CWE H . 18.53 -14.73 -17.89
C3 CWE H . 19.62 -15.60 -17.70
C4 CWE H . 20.01 -15.95 -16.43
C5 CWE H . 19.32 -15.49 -15.30
C6 CWE H . 18.26 -14.62 -15.48
C7 CWE H . 19.77 -15.82 -13.92
C8 CWE H . 19.19 -15.31 -12.73
C9 CWE H . 18.35 -14.11 -13.03
O1 CWE H . 17.54 -14.20 -14.22
O2 CWE H . 20.72 -16.49 -13.80
C10 CWE H . 17.27 -13.79 -12.03
C11 CWE H . 17.52 -13.40 -10.71
C12 CWE H . 16.43 -13.06 -9.92
C13 CWE H . 15.14 -13.09 -10.42
C14 CWE H . 14.91 -13.48 -11.72
C15 CWE H . 15.99 -13.83 -12.52
O3 CWE H . 14.01 -12.78 -9.61
O4 CWE H . 18.22 -14.42 -19.21
O5 CWE H . 21.14 -16.78 -16.31
H11 CWE H . 17.10 -13.69 -16.89
H31 CWE H . 20.11 -15.90 -18.43
H82 CWE H . 18.63 -15.99 -12.33
H81 CWE H . 19.89 -15.06 -12.11
H9 CWE H . 18.96 -13.37 -13.14
H111 CWE H . 18.38 -13.35 -10.38
H121 CWE H . 16.57 -12.81 -9.04
H141 CWE H . 14.05 -13.52 -12.06
H151 CWE H . 15.85 -14.06 -13.41
HO3 CWE H . 13.40 -12.43 -10.10
H41 CWE H . 18.42 -15.07 -19.72
H51 CWE H . 20.91 -17.53 -15.98
#